data_5S72
#
_entry.id   5S72
#
_cell.length_a   149.922
_cell.length_b   149.922
_cell.length_c   113.495
_cell.angle_alpha   90.000
_cell.angle_beta   90.000
_cell.angle_gamma   120.000
#
_symmetry.space_group_name_H-M   'P 63'
#
loop_
_entity.id
_entity.type
_entity.pdbx_description
1 polymer 'Uridylate-specific endoribonuclease'
2 non-polymer 'CITRIC ACID'
3 non-polymer "N-(2-aminoethyl)-N'-phenylurea"
4 water water
#
_entity_poly.entity_id   1
_entity_poly.type   'polypeptide(L)'
_entity_poly.pdbx_seq_one_letter_code
;GAMSLENVAFNVVNKGHFDGQQGEVPVSIINNTVYTKVDGVDVELFENKTTLPVNVAFELWAKRNIKPVPEVKILNNLGV
DIAANTVIWDYKRDAPAHISTIGVCSMTDIAKKPTETICAPLTVFFDGRVDGQVDLFRNARNGVLITEGSVKGLQPSVGP
KQASLNGVTLIGEAVKTQFNYYKKVDGVVQQLPETYFTQSRNLQEFKPRSQMEIDFLELAMDEFIERYKLEGYAFEHIVY
GDFSHSQLGGLHLLIGLAKRFKESPFELEDFIPMDSTVKNYFITDAQTGSSKCVCSVIDLLLDDFVEIIKSQDLSVVSKV
VKVTIDYTEISFMLWCKDGHVETFYPKLQ
;
_entity_poly.pdbx_strand_id   A,B
#
# COMPACT_ATOMS: atom_id res chain seq x y z
N ALA A 2 31.26 -15.19 -11.51
CA ALA A 2 32.30 -15.33 -12.55
C ALA A 2 32.38 -14.03 -13.32
N MET A 3 32.46 -12.91 -12.58
CA MET A 3 32.54 -11.54 -13.09
C MET A 3 33.90 -11.20 -13.69
N SER A 4 33.89 -10.37 -14.75
CA SER A 4 35.12 -9.94 -15.42
C SER A 4 34.86 -8.79 -16.39
N LEU A 5 35.88 -7.99 -16.69
CA LEU A 5 35.77 -6.90 -17.66
C LEU A 5 35.34 -7.41 -19.03
N GLU A 6 35.77 -8.62 -19.39
CA GLU A 6 35.46 -9.23 -20.67
C GLU A 6 34.02 -9.79 -20.71
N ASN A 7 33.47 -10.19 -19.57
CA ASN A 7 32.10 -10.68 -19.48
C ASN A 7 31.14 -9.48 -19.41
N VAL A 8 31.52 -8.40 -18.71
CA VAL A 8 30.74 -7.18 -18.62
C VAL A 8 30.62 -6.56 -20.00
N ALA A 9 31.74 -6.48 -20.74
CA ALA A 9 31.76 -5.92 -22.07
C ALA A 9 31.04 -6.77 -23.08
N PHE A 10 31.01 -8.10 -22.91
CA PHE A 10 30.28 -9.02 -23.75
C PHE A 10 28.77 -8.72 -23.63
N ASN A 11 28.30 -8.51 -22.39
CA ASN A 11 26.91 -8.23 -22.09
C ASN A 11 26.50 -6.90 -22.67
N VAL A 12 27.39 -5.87 -22.61
CA VAL A 12 27.15 -4.55 -23.20
C VAL A 12 26.97 -4.69 -24.70
N VAL A 13 27.87 -5.44 -25.36
CA VAL A 13 27.85 -5.70 -26.79
C VAL A 13 26.59 -6.51 -27.27
N ASN A 14 26.22 -7.60 -26.56
CA ASN A 14 25.16 -8.51 -27.00
C ASN A 14 23.77 -8.35 -26.39
N LYS A 15 23.67 -7.75 -25.19
CA LYS A 15 22.39 -7.54 -24.53
C LYS A 15 22.04 -6.07 -24.29
N GLY A 16 22.91 -5.14 -24.69
CA GLY A 16 22.66 -3.73 -24.49
C GLY A 16 23.04 -3.19 -23.12
N HIS A 17 23.21 -4.09 -22.16
CA HIS A 17 23.56 -3.84 -20.78
C HIS A 17 23.98 -5.16 -20.12
N PHE A 18 24.29 -5.18 -18.82
CA PHE A 18 24.60 -6.42 -18.13
C PHE A 18 23.32 -7.22 -17.88
N ASP A 19 23.28 -8.44 -18.36
CA ASP A 19 22.12 -9.33 -18.23
C ASP A 19 22.46 -10.70 -17.58
N GLY A 20 23.64 -10.81 -16.97
CA GLY A 20 24.09 -12.04 -16.34
C GLY A 20 24.48 -13.13 -17.31
N GLN A 21 24.43 -12.86 -18.62
CA GLN A 21 24.77 -13.83 -19.64
C GLN A 21 26.25 -14.10 -19.64
N GLN A 22 26.63 -15.35 -19.99
CA GLN A 22 28.01 -15.82 -20.03
C GLN A 22 28.63 -15.56 -21.39
N GLY A 23 29.93 -15.30 -21.40
CA GLY A 23 30.65 -15.02 -22.63
C GLY A 23 31.61 -13.85 -22.46
N GLU A 24 32.61 -13.73 -23.34
CA GLU A 24 33.59 -12.67 -23.23
C GLU A 24 33.99 -12.07 -24.55
N VAL A 25 34.04 -10.75 -24.61
CA VAL A 25 34.55 -10.05 -25.80
C VAL A 25 35.92 -9.43 -25.45
N PRO A 26 36.84 -9.34 -26.43
CA PRO A 26 38.16 -8.73 -26.13
C PRO A 26 38.06 -7.20 -25.95
N VAL A 27 38.59 -6.71 -24.82
CA VAL A 27 38.54 -5.29 -24.49
C VAL A 27 39.92 -4.66 -24.36
N SER A 28 40.05 -3.37 -24.72
CA SER A 28 41.27 -2.59 -24.51
C SER A 28 40.90 -1.30 -23.76
N ILE A 29 41.76 -0.87 -22.83
CA ILE A 29 41.49 0.32 -22.04
C ILE A 29 42.52 1.37 -22.32
N ILE A 30 42.08 2.47 -22.89
CA ILE A 30 42.95 3.58 -23.20
C ILE A 30 42.43 4.79 -22.43
N ASN A 31 43.27 5.46 -21.62
N ASN A 31 43.20 5.05 -21.36
CA ASN A 31 42.91 6.72 -20.89
CA ASN A 31 43.03 6.03 -20.32
C ASN A 31 41.38 7.06 -20.74
C ASN A 31 41.76 5.69 -19.53
N ASN A 32 40.79 6.56 -19.65
CA ASN A 32 39.42 6.61 -19.13
C ASN A 32 38.39 6.20 -20.18
N THR A 33 38.74 5.35 -21.15
CA THR A 33 37.79 4.93 -22.20
C THR A 33 37.94 3.42 -22.44
N VAL A 34 36.82 2.69 -22.55
CA VAL A 34 36.74 1.24 -22.79
C VAL A 34 36.41 0.99 -24.27
N TYR A 35 37.21 0.18 -24.98
CA TYR A 35 36.95 -0.15 -26.39
C TYR A 35 36.90 -1.67 -26.59
N THR A 36 36.25 -2.10 -27.68
CA THR A 36 36.21 -3.51 -28.07
C THR A 36 36.54 -3.60 -29.54
N LYS A 37 37.34 -4.60 -29.91
CA LYS A 37 37.73 -4.79 -31.29
C LYS A 37 36.51 -5.33 -32.07
N VAL A 38 35.81 -4.47 -32.83
CA VAL A 38 34.67 -4.92 -33.62
C VAL A 38 35.17 -5.11 -35.00
N ASP A 39 35.74 -6.29 -35.21
CA ASP A 39 36.36 -6.76 -36.44
C ASP A 39 37.40 -5.75 -36.93
N GLY A 40 38.65 -6.07 -36.64
CA GLY A 40 39.79 -5.25 -37.03
C GLY A 40 40.06 -4.04 -36.17
N VAL A 41 39.08 -3.10 -36.08
CA VAL A 41 39.25 -1.84 -35.37
C VAL A 41 38.42 -1.69 -34.09
N ASP A 42 38.90 -0.84 -33.18
CA ASP A 42 38.34 -0.53 -31.88
C ASP A 42 37.13 0.41 -31.91
N VAL A 43 36.02 -0.06 -31.33
CA VAL A 43 34.77 0.66 -31.19
C VAL A 43 34.60 0.94 -29.70
N GLU A 44 34.33 2.18 -29.35
CA GLU A 44 34.22 2.63 -27.97
C GLU A 44 32.92 2.19 -27.34
N LEU A 45 32.99 1.43 -26.23
CA LEU A 45 31.81 0.94 -25.50
C LEU A 45 31.41 1.89 -24.35
N PHE A 46 32.39 2.61 -23.76
CA PHE A 46 32.13 3.46 -22.61
C PHE A 46 33.25 4.48 -22.37
N GLU A 47 32.88 5.75 -22.16
CA GLU A 47 33.83 6.81 -21.83
C GLU A 47 33.61 7.15 -20.37
N ASN A 48 34.65 6.98 -19.56
CA ASN A 48 34.55 7.23 -18.13
C ASN A 48 34.54 8.71 -17.76
N LYS A 49 33.44 9.15 -17.18
CA LYS A 49 33.29 10.52 -16.69
C LYS A 49 33.21 10.56 -15.13
N THR A 50 33.33 9.40 -14.44
CA THR A 50 33.28 9.29 -12.97
C THR A 50 34.68 9.57 -12.36
N THR A 51 34.76 9.62 -11.02
CA THR A 51 35.99 9.68 -10.25
C THR A 51 36.47 8.21 -9.91
N LEU A 52 35.72 7.16 -10.35
CA LEU A 52 36.06 5.75 -10.18
C LEU A 52 36.96 5.31 -11.31
N PRO A 53 37.77 4.27 -11.10
CA PRO A 53 38.59 3.73 -12.19
C PRO A 53 37.73 3.29 -13.37
N VAL A 54 38.23 3.49 -14.58
CA VAL A 54 37.51 3.24 -15.81
C VAL A 54 36.78 1.89 -15.87
N ASN A 55 37.40 0.82 -15.38
CA ASN A 55 36.80 -0.50 -15.43
C ASN A 55 35.77 -0.73 -14.35
N VAL A 56 35.98 -0.12 -13.16
CA VAL A 56 35.06 -0.19 -12.05
C VAL A 56 33.77 0.56 -12.40
N ALA A 57 33.89 1.72 -13.04
CA ALA A 57 32.74 2.51 -13.45
C ALA A 57 32.02 1.88 -14.67
N PHE A 58 32.79 1.27 -15.59
CA PHE A 58 32.22 0.61 -16.79
C PHE A 58 31.22 -0.46 -16.36
N GLU A 59 31.60 -1.27 -15.36
CA GLU A 59 30.81 -2.32 -14.78
C GLU A 59 29.58 -1.76 -14.10
N LEU A 60 29.72 -0.69 -13.31
CA LEU A 60 28.59 -0.06 -12.65
C LEU A 60 27.57 0.48 -13.67
N TRP A 61 28.05 1.12 -14.70
CA TRP A 61 27.22 1.64 -15.76
C TRP A 61 26.47 0.49 -16.47
N ALA A 62 27.17 -0.60 -16.81
CA ALA A 62 26.53 -1.74 -17.45
C ALA A 62 25.54 -2.45 -16.52
N LYS A 63 25.79 -2.44 -15.21
CA LYS A 63 24.88 -3.04 -14.23
C LYS A 63 23.91 -2.01 -13.66
N ARG A 64 23.50 -1.02 -14.46
CA ARG A 64 22.56 0.02 -14.03
C ARG A 64 21.13 -0.51 -14.04
N ASN A 65 20.21 0.20 -13.37
CA ASN A 65 18.80 -0.21 -13.34
C ASN A 65 18.17 0.26 -14.68
N ILE A 66 17.65 -0.69 -15.48
CA ILE A 66 17.01 -0.34 -16.76
C ILE A 66 15.47 -0.25 -16.65
N LYS A 67 14.92 -0.18 -15.40
CA LYS A 67 13.49 -0.05 -15.06
C LYS A 67 13.24 1.36 -14.55
N PRO A 68 11.99 1.90 -14.57
CA PRO A 68 11.78 3.27 -14.06
C PRO A 68 12.07 3.36 -12.57
N VAL A 69 13.04 4.20 -12.18
CA VAL A 69 13.39 4.34 -10.78
C VAL A 69 13.17 5.79 -10.30
N PRO A 70 13.01 6.05 -8.98
CA PRO A 70 12.83 7.44 -8.54
C PRO A 70 13.94 8.38 -9.00
N GLU A 71 13.61 9.63 -9.37
CA GLU A 71 14.61 10.60 -9.81
C GLU A 71 15.67 10.82 -8.74
N VAL A 72 16.94 11.08 -9.12
CA VAL A 72 18.05 11.23 -8.18
C VAL A 72 17.73 12.27 -7.12
N LYS A 73 17.07 13.38 -7.50
CA LYS A 73 16.70 14.40 -6.51
C LYS A 73 15.80 13.86 -5.42
N ILE A 74 14.82 13.01 -5.77
CA ILE A 74 13.90 12.38 -4.82
C ILE A 74 14.68 11.47 -3.88
N LEU A 75 15.60 10.69 -4.41
CA LEU A 75 16.40 9.78 -3.58
C LEU A 75 17.32 10.57 -2.64
N ASN A 76 17.84 11.72 -3.10
CA ASN A 76 18.75 12.58 -2.34
C ASN A 76 18.03 13.34 -1.23
N ASN A 77 16.78 13.72 -1.49
CA ASN A 77 15.92 14.41 -0.53
C ASN A 77 15.46 13.49 0.60
N LEU A 78 15.29 12.19 0.29
CA LEU A 78 14.92 11.12 1.22
C LEU A 78 16.11 10.47 1.93
N GLY A 79 17.26 11.14 1.91
CA GLY A 79 18.50 10.70 2.56
C GLY A 79 19.02 9.34 2.17
N VAL A 80 18.79 8.93 0.91
CA VAL A 80 19.23 7.63 0.42
C VAL A 80 20.73 7.66 0.26
N ASP A 81 21.41 6.62 0.74
CA ASP A 81 22.85 6.56 0.72
C ASP A 81 23.38 5.52 -0.25
N ILE A 82 22.68 4.39 -0.36
CA ILE A 82 23.12 3.24 -1.13
C ILE A 82 21.92 2.49 -1.71
N ALA A 83 22.12 1.71 -2.79
CA ALA A 83 21.03 0.94 -3.37
C ALA A 83 21.22 -0.53 -3.06
N ALA A 84 20.12 -1.26 -2.83
CA ALA A 84 20.20 -2.68 -2.56
C ALA A 84 20.20 -3.49 -3.84
N ASN A 85 21.32 -4.14 -4.14
CA ASN A 85 21.56 -5.04 -5.26
C ASN A 85 21.18 -4.49 -6.64
N THR A 86 21.54 -3.22 -6.91
CA THR A 86 21.30 -2.48 -8.15
C THR A 86 22.17 -1.22 -8.19
N VAL A 87 22.30 -0.59 -9.38
CA VAL A 87 23.04 0.65 -9.52
C VAL A 87 22.09 1.67 -10.12
N ILE A 88 21.85 2.76 -9.41
CA ILE A 88 21.02 3.86 -9.84
C ILE A 88 21.99 4.81 -10.49
N TRP A 89 21.80 5.07 -11.79
CA TRP A 89 22.72 5.88 -12.55
C TRP A 89 22.32 7.32 -12.60
N ASP A 90 23.29 8.21 -12.43
CA ASP A 90 23.08 9.64 -12.54
C ASP A 90 23.39 9.95 -13.99
N TYR A 91 22.34 10.04 -14.80
CA TYR A 91 22.49 10.36 -16.21
C TYR A 91 22.80 11.86 -16.39
N LYS A 92 22.50 12.71 -15.36
CA LYS A 92 22.83 14.12 -15.33
C LYS A 92 24.31 14.34 -15.09
N ARG A 93 25.01 13.41 -14.44
CA ARG A 93 26.45 13.56 -14.24
C ARG A 93 27.26 12.41 -14.75
N ASP A 94 26.69 11.52 -15.54
CA ASP A 94 27.41 10.36 -16.07
C ASP A 94 28.16 9.55 -15.00
N ALA A 95 27.51 9.31 -13.85
CA ALA A 95 28.15 8.59 -12.76
C ALA A 95 27.15 7.89 -11.84
N PRO A 96 27.54 6.81 -11.11
CA PRO A 96 26.58 6.18 -10.19
C PRO A 96 26.08 7.20 -9.18
N ALA A 97 24.77 7.26 -8.93
CA ALA A 97 24.23 8.20 -7.97
C ALA A 97 24.84 8.03 -6.58
N HIS A 98 25.26 6.80 -6.22
CA HIS A 98 25.78 6.53 -4.89
C HIS A 98 27.21 6.01 -4.86
N ILE A 99 27.91 6.32 -3.74
CA ILE A 99 29.29 5.98 -3.42
C ILE A 99 29.58 4.47 -3.50
N SER A 100 28.94 3.63 -2.64
CA SER A 100 29.20 2.21 -2.62
C SER A 100 28.02 1.35 -3.16
N THR A 101 28.27 0.04 -3.39
CA THR A 101 27.25 -0.87 -3.86
C THR A 101 27.03 -2.06 -2.90
N ILE A 102 25.93 -2.80 -3.10
CA ILE A 102 25.62 -4.01 -2.35
C ILE A 102 25.33 -5.10 -3.39
N GLY A 103 26.07 -6.19 -3.37
CA GLY A 103 25.92 -7.32 -4.29
C GLY A 103 25.91 -7.01 -5.78
N VAL A 104 26.75 -6.05 -6.21
CA VAL A 104 26.83 -5.66 -7.63
C VAL A 104 28.28 -5.76 -8.17
N CYS A 105 29.18 -4.91 -7.70
CA CYS A 105 30.55 -4.85 -8.17
C CYS A 105 31.45 -5.13 -6.98
N SER A 106 32.37 -6.07 -7.08
CA SER A 106 33.25 -6.42 -5.96
C SER A 106 34.11 -5.24 -5.48
N MET A 107 34.47 -4.34 -6.40
CA MET A 107 35.32 -3.21 -6.12
C MET A 107 34.63 -2.06 -5.40
N THR A 108 33.31 -1.93 -5.59
CA THR A 108 32.57 -0.87 -4.89
C THR A 108 31.78 -1.42 -3.72
N ASP A 109 31.43 -2.72 -3.76
CA ASP A 109 30.66 -3.44 -2.76
C ASP A 109 31.17 -3.32 -1.33
N ILE A 110 30.28 -2.92 -0.44
CA ILE A 110 30.57 -2.92 1.00
C ILE A 110 29.92 -4.17 1.67
N ALA A 111 28.98 -4.83 0.96
CA ALA A 111 28.23 -5.97 1.39
C ALA A 111 27.70 -6.71 0.15
N LYS A 112 27.31 -7.98 0.31
CA LYS A 112 26.67 -8.72 -0.78
C LYS A 112 25.13 -8.60 -0.63
N LYS A 113 24.63 -8.57 0.62
CA LYS A 113 23.22 -8.44 0.95
C LYS A 113 23.04 -7.28 1.94
N PRO A 114 21.91 -6.55 1.86
CA PRO A 114 21.71 -5.42 2.77
C PRO A 114 21.46 -5.80 4.24
N THR A 115 21.34 -7.09 4.55
CA THR A 115 21.14 -7.56 5.92
C THR A 115 22.39 -7.36 6.81
N GLU A 116 23.58 -7.22 6.20
CA GLU A 116 24.87 -7.08 6.88
C GLU A 116 25.00 -5.83 7.72
N THR A 117 25.73 -5.93 8.86
CA THR A 117 25.95 -4.85 9.84
C THR A 117 26.49 -3.55 9.26
N ILE A 118 27.20 -3.62 8.11
CA ILE A 118 27.73 -2.42 7.47
C ILE A 118 26.57 -1.53 6.94
N CYS A 119 25.47 -2.16 6.46
CA CYS A 119 24.30 -1.49 5.92
C CYS A 119 23.34 -0.96 6.97
N ALA A 120 23.48 -1.41 8.22
CA ALA A 120 22.59 -1.01 9.30
C ALA A 120 22.44 0.51 9.48
N PRO A 121 23.49 1.36 9.53
CA PRO A 121 23.25 2.80 9.68
C PRO A 121 23.05 3.55 8.36
N LEU A 122 23.15 2.86 7.20
CA LEU A 122 22.96 3.53 5.92
C LEU A 122 21.54 3.36 5.46
N THR A 123 20.99 4.38 4.84
CA THR A 123 19.65 4.30 4.27
C THR A 123 19.73 3.57 2.92
N VAL A 124 19.50 2.25 2.96
CA VAL A 124 19.52 1.43 1.78
C VAL A 124 18.21 1.61 1.02
N PHE A 125 18.27 1.81 -0.29
CA PHE A 125 17.08 1.95 -1.11
C PHE A 125 16.59 0.56 -1.50
N PHE A 126 15.30 0.29 -1.28
CA PHE A 126 14.71 -0.98 -1.62
C PHE A 126 13.64 -0.81 -2.70
N ASP A 127 13.73 -1.61 -3.73
CA ASP A 127 12.77 -1.62 -4.83
C ASP A 127 11.82 -2.78 -4.53
N GLY A 128 10.60 -2.45 -4.06
CA GLY A 128 9.56 -3.42 -3.74
C GLY A 128 9.08 -4.25 -4.91
N ARG A 129 9.42 -3.84 -6.14
CA ARG A 129 9.13 -4.55 -7.39
C ARG A 129 10.04 -5.77 -7.59
N VAL A 130 11.14 -5.87 -6.83
CA VAL A 130 12.05 -7.00 -6.87
C VAL A 130 11.65 -7.98 -5.75
N ASP A 131 11.79 -9.28 -5.99
CA ASP A 131 11.42 -10.30 -5.01
C ASP A 131 12.19 -10.19 -3.70
N GLY A 132 11.44 -10.11 -2.59
CA GLY A 132 11.96 -10.09 -1.23
C GLY A 132 12.44 -8.75 -0.70
N GLN A 133 12.34 -7.68 -1.50
CA GLN A 133 12.85 -6.38 -1.05
C GLN A 133 11.93 -5.66 -0.06
N VAL A 134 10.66 -6.05 0.01
CA VAL A 134 9.72 -5.45 0.97
C VAL A 134 10.07 -5.92 2.37
N ASP A 135 10.36 -7.21 2.52
CA ASP A 135 10.76 -7.82 3.79
C ASP A 135 12.12 -7.36 4.21
N LEU A 136 13.02 -7.15 3.25
CA LEU A 136 14.34 -6.61 3.52
C LEU A 136 14.20 -5.18 4.10
N PHE A 137 13.20 -4.41 3.67
CA PHE A 137 12.94 -3.09 4.19
C PHE A 137 12.43 -3.16 5.61
N ARG A 138 11.55 -4.12 5.90
CA ARG A 138 10.98 -4.33 7.23
C ARG A 138 12.07 -4.69 8.23
N ASN A 139 13.08 -5.48 7.82
CA ASN A 139 14.16 -5.87 8.73
C ASN A 139 15.33 -4.91 8.75
N ALA A 140 15.51 -4.13 7.67
CA ALA A 140 16.58 -3.14 7.51
C ALA A 140 16.42 -2.09 8.56
N ARG A 141 17.52 -1.69 9.21
CA ARG A 141 17.41 -0.67 10.26
C ARG A 141 17.00 0.66 9.62
N ASN A 142 17.64 1.05 8.49
CA ASN A 142 17.35 2.30 7.76
C ASN A 142 17.14 1.99 6.31
N GLY A 143 16.11 2.58 5.72
CA GLY A 143 15.84 2.36 4.31
C GLY A 143 14.80 3.26 3.68
N VAL A 144 14.69 3.19 2.34
CA VAL A 144 13.67 3.88 1.59
C VAL A 144 13.13 2.85 0.63
N LEU A 145 11.84 2.53 0.74
CA LEU A 145 11.21 1.53 -0.10
C LEU A 145 10.28 2.18 -1.11
N ILE A 146 10.28 1.67 -2.35
CA ILE A 146 9.33 2.10 -3.36
C ILE A 146 8.51 0.88 -3.76
N THR A 147 7.18 0.97 -3.73
CA THR A 147 6.33 -0.12 -4.17
C THR A 147 5.31 0.37 -5.19
N GLU A 148 4.84 -0.54 -6.05
CA GLU A 148 3.85 -0.18 -7.07
C GLU A 148 2.46 -0.13 -6.44
N GLY A 149 2.17 -1.07 -5.56
CA GLY A 149 0.89 -1.13 -4.90
C GLY A 149 0.97 -1.05 -3.40
N SER A 150 0.04 -1.73 -2.72
CA SER A 150 -0.07 -1.73 -1.26
C SER A 150 0.84 -2.72 -0.52
N VAL A 151 1.34 -2.30 0.63
CA VAL A 151 2.14 -3.15 1.49
C VAL A 151 1.43 -3.11 2.81
N LYS A 152 1.01 -4.28 3.35
CA LYS A 152 0.23 -4.40 4.57
C LYS A 152 0.87 -3.78 5.81
N GLY A 153 0.13 -2.93 6.51
CA GLY A 153 0.65 -2.30 7.71
C GLY A 153 1.39 -0.99 7.47
N LEU A 154 2.20 -0.94 6.39
CA LEU A 154 3.00 0.23 5.98
C LEU A 154 2.12 1.36 5.45
N GLN A 155 2.19 2.54 6.08
CA GLN A 155 1.44 3.71 5.65
C GLN A 155 2.08 4.34 4.38
N PRO A 156 1.35 4.34 3.25
CA PRO A 156 1.95 4.81 1.98
C PRO A 156 2.08 6.31 1.80
N SER A 157 2.99 6.71 0.90
CA SER A 157 3.19 8.10 0.53
C SER A 157 3.32 8.17 -0.96
N VAL A 158 2.23 8.45 -1.65
CA VAL A 158 2.16 8.59 -3.10
C VAL A 158 3.19 9.62 -3.61
N GLY A 159 4.20 9.13 -4.33
CA GLY A 159 5.27 9.96 -4.87
C GLY A 159 4.91 10.66 -6.15
N PRO A 160 5.92 11.17 -6.88
CA PRO A 160 5.62 11.91 -8.13
C PRO A 160 5.07 11.03 -9.23
N LYS A 161 4.33 11.61 -10.17
CA LYS A 161 3.81 10.87 -11.31
C LYS A 161 4.95 10.33 -12.20
N GLN A 162 6.06 11.07 -12.25
CA GLN A 162 7.20 10.78 -13.10
C GLN A 162 8.32 10.02 -12.39
N ALA A 163 9.07 9.26 -13.18
CA ALA A 163 10.23 8.47 -12.77
C ALA A 163 11.24 8.54 -13.94
N SER A 164 12.48 8.13 -13.69
CA SER A 164 13.53 8.13 -14.69
C SER A 164 13.68 6.75 -15.32
N LEU A 165 13.42 6.64 -16.62
CA LEU A 165 13.65 5.40 -17.35
C LEU A 165 14.85 5.59 -18.30
N ASN A 166 16.03 5.09 -17.89
CA ASN A 166 17.28 5.23 -18.63
C ASN A 166 17.62 6.69 -18.94
N GLY A 167 17.48 7.55 -17.94
CA GLY A 167 17.74 8.97 -18.11
C GLY A 167 16.53 9.76 -18.54
N VAL A 168 15.60 9.11 -19.24
CA VAL A 168 14.39 9.74 -19.72
C VAL A 168 13.36 9.94 -18.58
N THR A 169 13.15 11.17 -18.14
CA THR A 169 12.16 11.45 -17.10
C THR A 169 10.84 11.45 -17.83
N LEU A 170 9.94 10.54 -17.45
CA LEU A 170 8.65 10.42 -18.12
C LEU A 170 7.51 10.09 -17.18
N ILE A 171 6.28 10.31 -17.64
CA ILE A 171 5.11 9.87 -16.93
C ILE A 171 4.65 8.65 -17.73
N GLY A 172 4.99 7.47 -17.20
CA GLY A 172 4.75 6.18 -17.81
C GLY A 172 3.30 5.90 -18.10
N GLU A 173 3.07 5.18 -19.20
CA GLU A 173 1.78 4.73 -19.68
C GLU A 173 1.91 3.20 -19.87
N ALA A 174 2.96 2.78 -20.59
CA ALA A 174 3.30 1.36 -20.77
C ALA A 174 3.90 0.73 -19.46
N VAL A 175 4.44 1.58 -18.58
CA VAL A 175 5.00 1.16 -17.28
C VAL A 175 4.45 2.07 -16.16
N LYS A 176 4.60 1.63 -14.90
CA LYS A 176 4.17 2.43 -13.76
C LYS A 176 5.35 3.27 -13.27
N THR A 177 5.17 4.60 -13.26
CA THR A 177 6.18 5.54 -12.78
C THR A 177 5.78 6.17 -11.42
N GLN A 178 4.51 6.04 -11.02
CA GLN A 178 4.05 6.54 -9.73
C GLN A 178 4.28 5.44 -8.69
N PHE A 179 5.01 5.76 -7.62
CA PHE A 179 5.34 4.78 -6.57
C PHE A 179 4.81 5.19 -5.22
N ASN A 180 4.83 4.25 -4.29
CA ASN A 180 4.52 4.45 -2.92
C ASN A 180 5.86 4.57 -2.23
N TYR A 181 6.06 5.63 -1.45
CA TYR A 181 7.32 5.80 -0.73
C TYR A 181 7.18 5.40 0.71
N TYR A 182 8.24 4.85 1.28
CA TYR A 182 8.29 4.43 2.68
C TYR A 182 9.69 4.71 3.19
N LYS A 183 9.83 5.34 4.34
CA LYS A 183 11.16 5.66 4.88
C LYS A 183 11.23 5.16 6.31
N LYS A 184 12.40 4.74 6.78
CA LYS A 184 12.60 4.24 8.15
C LYS A 184 13.89 4.81 8.62
N VAL A 185 13.92 5.26 9.86
CA VAL A 185 15.13 5.82 10.45
C VAL A 185 15.29 5.17 11.82
N ASP A 186 16.48 4.63 12.14
CA ASP A 186 16.76 3.97 13.44
C ASP A 186 15.84 2.78 13.74
N GLY A 187 15.36 2.13 12.70
CA GLY A 187 14.45 1.00 12.84
C GLY A 187 12.99 1.41 12.96
N VAL A 188 12.68 2.73 12.89
CA VAL A 188 11.33 3.26 13.04
C VAL A 188 10.81 3.81 11.73
N VAL A 189 9.65 3.33 11.25
CA VAL A 189 9.05 3.84 10.00
C VAL A 189 8.70 5.29 10.15
N GLN A 190 9.43 6.19 9.49
CA GLN A 190 9.16 7.61 9.57
C GLN A 190 8.06 8.05 8.60
N GLN A 191 7.13 8.86 9.08
CA GLN A 191 6.03 9.42 8.31
C GLN A 191 6.57 10.45 7.31
N LEU A 192 6.31 10.23 6.02
CA LEU A 192 6.76 11.18 5.03
C LEU A 192 5.85 12.42 5.01
N PRO A 193 6.47 13.61 4.88
CA PRO A 193 5.69 14.85 4.90
C PRO A 193 4.70 15.01 3.76
N GLU A 194 3.72 15.92 3.95
CA GLU A 194 2.78 16.27 2.90
C GLU A 194 3.62 17.22 2.03
N THR A 195 3.76 16.86 0.76
CA THR A 195 4.69 17.55 -0.11
C THR A 195 4.12 17.88 -1.50
N TYR A 196 4.82 18.79 -2.18
CA TYR A 196 4.60 19.17 -3.58
C TYR A 196 5.65 18.40 -4.39
N PHE A 197 5.45 18.29 -5.69
CA PHE A 197 6.44 17.65 -6.54
C PHE A 197 6.80 18.55 -7.68
N THR A 198 8.10 18.63 -8.00
CA THR A 198 8.56 19.44 -9.12
C THR A 198 8.22 18.65 -10.39
N GLN A 199 7.83 19.34 -11.46
CA GLN A 199 7.38 18.70 -12.68
C GLN A 199 8.51 18.09 -13.54
N SER A 200 9.78 18.34 -13.18
CA SER A 200 10.95 17.79 -13.87
C SER A 200 10.90 17.97 -15.41
N ARG A 201 10.68 19.21 -15.88
CA ARG A 201 10.59 19.47 -17.32
C ARG A 201 11.81 20.16 -17.91
N ASN A 202 11.98 20.05 -19.23
CA ASN A 202 13.06 20.67 -20.00
C ASN A 202 12.64 22.04 -20.52
N LEU A 203 13.62 22.87 -20.89
CA LEU A 203 13.33 24.19 -21.44
C LEU A 203 12.99 24.07 -22.94
N GLN A 204 13.70 23.18 -23.65
CA GLN A 204 13.50 22.93 -25.08
C GLN A 204 12.12 22.29 -25.36
N GLU A 205 11.74 21.27 -24.58
CA GLU A 205 10.47 20.58 -24.78
C GLU A 205 9.45 20.80 -23.66
N PHE A 206 9.30 22.07 -23.18
CA PHE A 206 8.33 22.35 -22.11
C PHE A 206 6.94 22.19 -22.66
N LYS A 207 6.07 21.55 -21.88
CA LYS A 207 4.67 21.37 -22.23
C LYS A 207 3.82 21.69 -21.01
N PRO A 208 2.84 22.61 -21.16
CA PRO A 208 1.95 22.94 -20.03
C PRO A 208 1.17 21.73 -19.52
N ARG A 209 0.96 21.64 -18.18
CA ARG A 209 0.25 20.52 -17.54
C ARG A 209 -1.00 20.93 -16.76
N SER A 210 -1.65 22.03 -17.20
CA SER A 210 -2.90 22.53 -16.62
C SER A 210 -3.50 23.68 -17.47
N GLN A 211 -4.74 24.14 -17.15
CA GLN A 211 -5.34 25.25 -17.88
C GLN A 211 -4.65 26.57 -17.56
N MET A 212 -4.17 26.71 -16.31
CA MET A 212 -3.44 27.90 -15.90
C MET A 212 -2.13 27.99 -16.68
N GLU A 213 -1.45 26.85 -16.88
CA GLU A 213 -0.19 26.80 -17.63
C GLU A 213 -0.39 27.07 -19.09
N ILE A 214 -1.53 26.68 -19.67
CA ILE A 214 -1.82 26.96 -21.08
C ILE A 214 -2.12 28.47 -21.23
N ASP A 215 -2.87 29.06 -20.26
CA ASP A 215 -3.19 30.49 -20.25
C ASP A 215 -1.95 31.33 -20.02
N PHE A 216 -0.97 30.84 -19.25
CA PHE A 216 0.27 31.58 -18.99
C PHE A 216 1.14 31.62 -20.24
N LEU A 217 1.22 30.50 -20.95
CA LEU A 217 2.03 30.43 -22.15
C LEU A 217 1.36 31.08 -23.37
N GLU A 218 0.03 31.21 -23.37
CA GLU A 218 -0.70 31.79 -24.49
C GLU A 218 -1.04 33.30 -24.33
N LEU A 219 -1.62 33.67 -23.18
CA LEU A 219 -2.02 35.05 -22.93
C LEU A 219 -0.85 36.00 -22.73
N ALA A 220 -1.13 37.31 -22.77
CA ALA A 220 -0.14 38.36 -22.50
C ALA A 220 0.03 38.50 -20.95
N MET A 221 1.07 39.21 -20.48
CA MET A 221 1.36 39.34 -19.06
C MET A 221 0.20 39.88 -18.20
N ASP A 222 -0.26 41.13 -18.43
CA ASP A 222 -1.29 41.77 -17.63
C ASP A 222 -2.69 41.19 -17.78
N GLU A 223 -2.89 40.19 -18.64
CA GLU A 223 -4.20 39.55 -18.78
C GLU A 223 -4.20 38.11 -18.21
N PHE A 224 -3.02 37.50 -17.99
CA PHE A 224 -2.97 36.21 -17.31
C PHE A 224 -3.24 36.50 -15.82
N ILE A 225 -2.54 37.50 -15.26
CA ILE A 225 -2.68 37.94 -13.88
C ILE A 225 -4.11 38.41 -13.61
N GLU A 226 -4.68 39.16 -14.57
CA GLU A 226 -6.05 39.68 -14.51
C GLU A 226 -7.06 38.55 -14.39
N ARG A 227 -6.88 37.48 -15.19
CA ARG A 227 -7.78 36.33 -15.17
C ARG A 227 -7.65 35.53 -13.87
N TYR A 228 -6.41 35.35 -13.40
CA TYR A 228 -6.16 34.52 -12.22
C TYR A 228 -6.05 35.32 -10.91
N LYS A 229 -6.51 36.59 -10.91
CA LYS A 229 -6.55 37.47 -9.73
C LYS A 229 -5.20 37.50 -8.99
N LEU A 230 -4.11 37.60 -9.74
CA LEU A 230 -2.77 37.61 -9.15
C LEU A 230 -2.23 39.04 -8.94
N GLU A 231 -3.12 39.98 -8.61
CA GLU A 231 -2.74 41.36 -8.34
C GLU A 231 -2.11 41.44 -6.93
N GLY A 232 -0.93 42.05 -6.86
CA GLY A 232 -0.18 42.21 -5.62
C GLY A 232 0.71 41.03 -5.24
N TYR A 233 1.06 40.16 -6.20
CA TYR A 233 1.90 39.00 -5.90
C TYR A 233 3.26 38.98 -6.62
N ALA A 234 3.56 40.02 -7.43
CA ALA A 234 4.79 40.19 -8.19
C ALA A 234 5.09 39.06 -9.20
N PHE A 235 4.05 38.56 -9.91
CA PHE A 235 4.30 37.55 -10.94
C PHE A 235 5.06 38.14 -12.13
N GLU A 236 4.94 39.46 -12.36
CA GLU A 236 5.67 40.20 -13.39
C GLU A 236 7.20 40.11 -13.14
N HIS A 237 7.61 40.09 -11.87
CA HIS A 237 9.00 40.01 -11.46
C HIS A 237 9.46 38.55 -11.26
N ILE A 238 8.80 37.79 -10.36
CA ILE A 238 9.14 36.40 -10.04
C ILE A 238 8.97 35.41 -11.19
N VAL A 239 7.80 35.38 -11.82
CA VAL A 239 7.53 34.38 -12.83
C VAL A 239 7.82 34.87 -14.23
N TYR A 240 7.48 36.12 -14.55
CA TYR A 240 7.74 36.66 -15.88
C TYR A 240 9.20 37.03 -16.07
N GLY A 241 9.79 37.70 -15.09
CA GLY A 241 11.18 38.11 -15.16
C GLY A 241 11.38 39.52 -15.69
N ASP A 242 12.10 40.35 -14.93
CA ASP A 242 12.40 41.73 -15.32
C ASP A 242 13.74 41.77 -16.05
N PHE A 243 13.73 41.99 -17.37
CA PHE A 243 14.98 42.05 -18.14
C PHE A 243 15.39 43.48 -18.46
N SER A 244 15.02 44.45 -17.59
CA SER A 244 15.32 45.86 -17.86
C SER A 244 16.60 46.39 -17.28
N HIS A 245 17.06 45.85 -16.14
CA HIS A 245 18.31 46.36 -15.53
C HIS A 245 19.51 45.42 -15.75
N SER A 246 20.74 45.84 -15.36
CA SER A 246 21.97 45.06 -15.51
C SER A 246 21.82 43.68 -14.90
N GLN A 247 21.26 43.60 -13.68
CA GLN A 247 20.98 42.32 -13.04
C GLN A 247 19.53 41.91 -13.41
N LEU A 248 19.39 40.69 -13.94
CA LEU A 248 18.13 40.08 -14.35
C LEU A 248 17.28 39.93 -13.09
N GLY A 249 16.06 40.46 -13.12
CA GLY A 249 15.18 40.43 -11.96
C GLY A 249 14.20 39.27 -11.95
N GLY A 250 14.09 38.62 -10.82
CA GLY A 250 13.17 37.51 -10.65
C GLY A 250 13.55 36.34 -11.53
N LEU A 251 12.57 35.85 -12.32
CA LEU A 251 12.69 34.70 -13.23
C LEU A 251 13.12 33.46 -12.43
N HIS A 252 12.21 32.94 -11.58
CA HIS A 252 12.50 31.81 -10.71
C HIS A 252 11.64 30.57 -10.94
N LEU A 253 10.67 30.63 -11.85
CA LEU A 253 9.77 29.52 -12.18
C LEU A 253 10.13 29.06 -13.57
N LEU A 254 10.33 27.75 -13.78
CA LEU A 254 10.70 27.25 -15.11
C LEU A 254 9.76 27.68 -16.22
N ILE A 255 8.45 27.74 -15.94
CA ILE A 255 7.45 28.17 -16.94
C ILE A 255 7.75 29.59 -17.50
N GLY A 256 8.39 30.45 -16.71
CA GLY A 256 8.77 31.80 -17.13
C GLY A 256 9.97 31.78 -18.06
N LEU A 257 10.88 30.84 -17.83
CA LEU A 257 12.05 30.63 -18.67
C LEU A 257 11.58 29.99 -20.00
N ALA A 258 10.57 29.10 -19.96
CA ALA A 258 9.99 28.44 -21.15
C ALA A 258 9.27 29.46 -22.05
N LYS A 259 8.60 30.46 -21.43
CA LYS A 259 7.87 31.49 -22.16
C LYS A 259 8.87 32.50 -22.75
N ARG A 260 9.89 32.88 -21.98
CA ARG A 260 10.92 33.78 -22.47
C ARG A 260 11.73 33.12 -23.63
N PHE A 261 11.81 31.78 -23.66
CA PHE A 261 12.54 30.97 -24.64
C PHE A 261 11.96 30.99 -26.06
N LYS A 262 10.61 30.92 -26.19
CA LYS A 262 9.94 30.94 -27.50
C LYS A 262 10.27 32.23 -28.24
N GLU A 263 10.25 33.34 -27.50
CA GLU A 263 10.57 34.66 -28.07
C GLU A 263 12.09 34.80 -28.24
N SER A 264 12.86 34.76 -27.15
CA SER A 264 14.30 34.95 -27.21
C SER A 264 15.10 33.91 -26.43
N PRO A 265 16.31 33.59 -26.91
CA PRO A 265 17.15 32.64 -26.17
C PRO A 265 17.91 33.29 -25.01
N PHE A 266 18.53 32.47 -24.16
CA PHE A 266 19.35 32.91 -23.02
C PHE A 266 20.30 31.79 -22.58
N GLU A 267 21.43 32.14 -21.96
CA GLU A 267 22.39 31.13 -21.53
C GLU A 267 22.18 30.75 -20.09
N LEU A 268 21.99 29.46 -19.81
CA LEU A 268 21.83 28.97 -18.44
C LEU A 268 23.06 28.16 -18.09
N GLU A 269 23.94 28.71 -17.28
CA GLU A 269 25.13 28.00 -16.89
C GLU A 269 24.87 27.26 -15.59
N ASP A 270 24.74 25.94 -15.72
CA ASP A 270 24.51 25.01 -14.62
C ASP A 270 25.87 24.74 -13.99
N PHE A 271 26.36 25.60 -13.07
CA PHE A 271 27.71 25.46 -12.52
C PHE A 271 27.86 24.32 -11.51
N ILE A 272 26.74 23.76 -11.02
CA ILE A 272 26.78 22.57 -10.15
C ILE A 272 25.86 21.53 -10.80
N PRO A 273 26.40 20.80 -11.82
CA PRO A 273 25.58 19.85 -12.59
C PRO A 273 25.04 18.64 -11.85
N MET A 274 23.83 18.75 -11.34
CA MET A 274 23.20 17.67 -10.63
C MET A 274 21.68 17.79 -10.66
N ASP A 275 21.01 16.87 -10.00
CA ASP A 275 19.57 16.89 -9.96
C ASP A 275 19.19 17.37 -8.57
N SER A 276 18.58 18.55 -8.49
CA SER A 276 18.09 19.09 -7.24
C SER A 276 16.72 19.68 -7.43
N THR A 277 15.95 19.79 -6.33
CA THR A 277 14.62 20.40 -6.36
C THR A 277 14.71 21.85 -6.82
N VAL A 278 15.65 22.63 -6.22
CA VAL A 278 15.92 23.97 -6.69
C VAL A 278 17.25 23.95 -7.42
N LYS A 279 17.26 24.40 -8.69
CA LYS A 279 18.49 24.45 -9.47
C LYS A 279 19.04 25.87 -9.50
N ASN A 280 20.37 26.03 -9.46
CA ASN A 280 20.96 27.37 -9.53
C ASN A 280 21.63 27.56 -10.86
N TYR A 281 21.32 28.67 -11.55
CA TYR A 281 21.87 28.92 -12.87
C TYR A 281 22.46 30.30 -12.98
N PHE A 282 23.46 30.44 -13.83
CA PHE A 282 24.07 31.72 -14.13
C PHE A 282 23.42 32.09 -15.48
N ILE A 283 22.37 32.89 -15.43
CA ILE A 283 21.62 33.27 -16.62
C ILE A 283 22.12 34.55 -17.22
N THR A 284 22.09 34.63 -18.56
CA THR A 284 22.44 35.78 -19.38
C THR A 284 21.36 35.84 -20.46
N ASP A 285 20.41 36.79 -20.39
CA ASP A 285 19.39 36.91 -21.43
C ASP A 285 20.05 37.49 -22.67
N ALA A 286 20.14 36.69 -23.73
CA ALA A 286 20.80 37.08 -24.97
C ALA A 286 20.18 38.28 -25.70
N GLN A 287 18.91 38.63 -25.44
CA GLN A 287 18.30 39.77 -26.14
C GLN A 287 18.63 41.10 -25.46
N THR A 288 18.33 41.23 -24.17
CA THR A 288 18.53 42.45 -23.43
C THR A 288 19.95 42.60 -22.88
N GLY A 289 20.59 41.50 -22.53
CA GLY A 289 21.91 41.55 -21.89
C GLY A 289 21.82 41.53 -20.37
N SER A 290 20.59 41.45 -19.80
CA SER A 290 20.37 41.35 -18.37
C SER A 290 20.92 40.00 -17.92
N SER A 291 21.51 39.91 -16.71
CA SER A 291 22.09 38.64 -16.25
C SER A 291 22.12 38.48 -14.73
N LYS A 292 22.18 37.24 -14.23
CA LYS A 292 22.26 36.97 -12.80
C LYS A 292 23.24 35.83 -12.55
N CYS A 293 24.09 35.93 -11.52
CA CYS A 293 25.07 34.90 -11.22
C CYS A 293 24.44 33.65 -10.60
N VAL A 294 23.61 33.85 -9.57
CA VAL A 294 22.89 32.75 -8.96
C VAL A 294 21.43 33.04 -9.11
N CYS A 295 20.77 32.34 -10.02
CA CYS A 295 19.35 32.52 -10.25
C CYS A 295 18.67 31.23 -9.93
N SER A 296 18.09 31.10 -8.75
CA SER A 296 17.43 29.86 -8.35
C SER A 296 16.13 29.64 -9.13
N VAL A 297 16.10 28.62 -10.00
CA VAL A 297 14.95 28.25 -10.81
C VAL A 297 14.32 26.93 -10.30
N ILE A 298 13.03 26.94 -9.96
CA ILE A 298 12.33 25.73 -9.52
C ILE A 298 11.15 25.43 -10.46
N ASP A 299 11.00 24.17 -10.89
CA ASP A 299 9.90 23.80 -11.78
C ASP A 299 8.71 23.24 -11.02
N LEU A 300 7.89 24.10 -10.46
CA LEU A 300 6.65 23.67 -9.84
C LEU A 300 5.55 23.85 -10.89
N LEU A 301 4.44 23.13 -10.74
CA LEU A 301 3.26 23.34 -11.60
C LEU A 301 2.75 24.77 -11.28
N LEU A 302 2.46 25.61 -12.27
CA LEU A 302 2.07 27.00 -12.02
C LEU A 302 0.98 27.18 -10.97
N ASP A 303 -0.01 26.28 -10.94
CA ASP A 303 -1.09 26.30 -9.97
C ASP A 303 -0.54 26.10 -8.54
N ASP A 304 0.48 25.24 -8.40
CA ASP A 304 1.12 24.97 -7.13
C ASP A 304 1.86 26.18 -6.59
N PHE A 305 2.59 26.94 -7.45
CA PHE A 305 3.30 28.13 -7.02
C PHE A 305 2.29 29.23 -6.62
N VAL A 306 1.19 29.37 -7.40
CA VAL A 306 0.07 30.28 -7.15
C VAL A 306 -0.56 29.95 -5.77
N GLU A 307 -0.83 28.65 -5.51
CA GLU A 307 -1.39 28.18 -4.26
C GLU A 307 -0.42 28.36 -3.07
N ILE A 308 0.89 28.39 -3.32
CA ILE A 308 1.90 28.59 -2.29
C ILE A 308 1.97 30.07 -1.94
N ILE A 309 2.09 30.96 -2.95
CA ILE A 309 2.22 32.39 -2.74
C ILE A 309 0.93 33.01 -2.22
N LYS A 310 -0.25 32.60 -2.73
CA LYS A 310 -1.52 33.17 -2.27
C LYS A 310 -1.84 32.88 -0.80
N SER A 311 -1.48 31.68 -0.36
CA SER A 311 -1.68 31.29 1.03
C SER A 311 -0.72 31.98 2.01
N GLN A 312 0.31 32.69 1.50
CA GLN A 312 1.25 33.38 2.36
C GLN A 312 0.74 34.68 2.91
N ASP A 313 1.15 34.99 4.15
CA ASP A 313 0.79 36.22 4.80
C ASP A 313 1.71 37.32 4.27
N LEU A 314 1.13 38.47 3.88
CA LEU A 314 1.92 39.56 3.29
C LEU A 314 2.14 40.77 4.22
N SER A 315 2.09 40.56 5.55
CA SER A 315 2.26 41.63 6.53
C SER A 315 3.71 42.04 6.82
N VAL A 316 4.61 41.07 7.05
CA VAL A 316 6.00 41.39 7.39
C VAL A 316 6.84 41.73 6.14
N VAL A 317 7.93 42.47 6.33
CA VAL A 317 8.80 42.85 5.23
C VAL A 317 9.55 41.63 4.67
N SER A 318 10.13 40.79 5.54
CA SER A 318 10.85 39.61 5.09
C SER A 318 10.78 38.46 6.08
N LYS A 319 10.30 37.31 5.62
CA LYS A 319 10.24 36.12 6.43
C LYS A 319 10.70 34.89 5.62
N VAL A 320 11.09 33.82 6.32
CA VAL A 320 11.53 32.60 5.65
C VAL A 320 10.32 31.70 5.53
N VAL A 321 9.96 31.37 4.30
CA VAL A 321 8.81 30.53 3.99
C VAL A 321 9.33 29.18 3.61
N LYS A 322 9.15 28.18 4.49
CA LYS A 322 9.57 26.82 4.17
C LYS A 322 8.41 26.11 3.49
N VAL A 323 8.68 25.41 2.40
CA VAL A 323 7.67 24.67 1.64
C VAL A 323 8.21 23.27 1.44
N THR A 324 7.40 22.23 1.71
CA THR A 324 7.84 20.86 1.47
C THR A 324 7.62 20.54 -0.02
N ILE A 325 8.72 20.39 -0.78
CA ILE A 325 8.74 20.07 -2.20
C ILE A 325 9.74 18.93 -2.34
N ASP A 326 9.32 17.83 -3.02
CA ASP A 326 10.08 16.60 -3.29
C ASP A 326 10.62 15.90 -2.05
N TYR A 327 9.90 16.05 -0.93
CA TYR A 327 10.23 15.51 0.40
C TYR A 327 11.30 16.33 1.14
N THR A 328 11.64 17.53 0.64
CA THR A 328 12.64 18.36 1.28
C THR A 328 12.04 19.71 1.62
N GLU A 329 12.45 20.32 2.73
CA GLU A 329 11.94 21.64 3.10
C GLU A 329 12.73 22.73 2.40
N ILE A 330 12.21 23.20 1.27
CA ILE A 330 12.82 24.26 0.48
C ILE A 330 12.47 25.58 1.12
N SER A 331 13.49 26.34 1.53
CA SER A 331 13.25 27.65 2.11
C SER A 331 13.16 28.68 0.99
N PHE A 332 12.34 29.70 1.23
CA PHE A 332 12.08 30.80 0.30
C PHE A 332 12.15 32.10 1.10
N MET A 333 12.54 33.20 0.45
CA MET A 333 12.54 34.50 1.12
C MET A 333 11.38 35.30 0.57
N LEU A 334 10.33 35.54 1.40
CA LEU A 334 9.16 36.30 0.95
C LEU A 334 9.30 37.76 1.34
N TRP A 335 9.53 38.62 0.34
CA TRP A 335 9.68 40.04 0.57
C TRP A 335 8.36 40.74 0.28
N CYS A 336 7.97 41.72 1.13
CA CYS A 336 6.69 42.42 1.00
C CYS A 336 6.76 43.93 1.27
N LYS A 337 5.69 44.66 0.89
CA LYS A 337 5.49 46.09 1.12
C LYS A 337 4.05 46.47 0.81
N ASP A 338 3.36 47.06 1.79
CA ASP A 338 1.98 47.57 1.72
C ASP A 338 0.93 46.58 1.24
N GLY A 339 1.03 45.33 1.69
CA GLY A 339 0.04 44.31 1.34
C GLY A 339 0.29 43.56 0.04
N HIS A 340 1.48 43.73 -0.54
CA HIS A 340 1.83 43.04 -1.77
C HIS A 340 3.24 42.47 -1.73
N VAL A 341 3.50 41.48 -2.58
CA VAL A 341 4.81 40.83 -2.64
C VAL A 341 5.79 41.66 -3.49
N GLU A 342 6.98 41.97 -2.96
CA GLU A 342 8.02 42.68 -3.70
C GLU A 342 8.78 41.62 -4.55
N THR A 343 9.13 40.48 -3.92
CA THR A 343 9.78 39.30 -4.50
C THR A 343 9.53 38.04 -3.62
N PHE A 344 9.60 36.85 -4.21
CA PHE A 344 9.38 35.59 -3.51
C PHE A 344 10.21 34.55 -4.22
N TYR A 345 11.45 34.33 -3.76
CA TYR A 345 12.38 33.44 -4.44
C TYR A 345 12.87 32.32 -3.54
N PRO A 346 13.26 31.16 -4.11
CA PRO A 346 13.84 30.10 -3.26
C PRO A 346 15.17 30.59 -2.66
N LYS A 347 15.14 30.89 -1.34
CA LYS A 347 16.22 31.46 -0.51
C LYS A 347 17.59 30.85 -0.72
N LEU A 348 18.58 31.72 -0.91
CA LEU A 348 20.01 31.38 -1.12
C LEU A 348 20.73 31.13 0.24
N GLN A 349 20.74 29.85 0.71
CA GLN A 349 21.29 29.37 1.99
C GLN A 349 22.77 29.77 2.29
N ALA B 2 -38.67 -31.21 -8.15
CA ALA B 2 -39.85 -31.68 -7.42
C ALA B 2 -39.68 -31.34 -5.94
N MET B 3 -39.35 -30.07 -5.68
CA MET B 3 -39.11 -29.53 -4.35
C MET B 3 -40.38 -29.33 -3.52
N SER B 4 -40.28 -29.50 -2.20
CA SER B 4 -41.43 -29.34 -1.30
C SER B 4 -41.01 -29.33 0.16
N LEU B 5 -41.81 -28.73 1.05
CA LEU B 5 -41.53 -28.72 2.49
C LEU B 5 -41.43 -30.13 3.04
N GLU B 6 -42.21 -31.06 2.50
CA GLU B 6 -42.24 -32.45 2.93
C GLU B 6 -41.02 -33.24 2.44
N ASN B 7 -40.47 -32.87 1.28
CA ASN B 7 -39.27 -33.50 0.75
C ASN B 7 -38.03 -32.92 1.44
N VAL B 8 -38.02 -31.60 1.72
CA VAL B 8 -36.92 -30.96 2.44
C VAL B 8 -36.83 -31.54 3.85
N ALA B 9 -37.96 -31.69 4.55
CA ALA B 9 -37.94 -32.25 5.90
C ALA B 9 -37.55 -33.70 5.92
N PHE B 10 -37.95 -34.47 4.88
CA PHE B 10 -37.59 -35.88 4.73
C PHE B 10 -36.07 -36.01 4.70
N ASN B 11 -35.41 -35.13 3.92
CA ASN B 11 -33.97 -35.09 3.77
C ASN B 11 -33.29 -34.72 5.08
N VAL B 12 -33.87 -33.81 5.86
CA VAL B 12 -33.33 -33.42 7.17
C VAL B 12 -33.38 -34.64 8.09
N VAL B 13 -34.53 -35.29 8.14
CA VAL B 13 -34.78 -36.48 8.95
C VAL B 13 -33.85 -37.68 8.59
N ASN B 14 -33.68 -37.98 7.30
CA ASN B 14 -32.95 -39.18 6.88
C ASN B 14 -31.49 -39.01 6.45
N LYS B 15 -31.12 -37.80 5.99
CA LYS B 15 -29.76 -37.56 5.52
C LYS B 15 -29.01 -36.51 6.32
N GLY B 16 -29.62 -35.93 7.36
CA GLY B 16 -28.97 -34.92 8.17
C GLY B 16 -29.01 -33.51 7.61
N HIS B 17 -29.32 -33.40 6.31
CA HIS B 17 -29.42 -32.18 5.54
C HIS B 17 -30.10 -32.51 4.19
N PHE B 18 -30.24 -31.53 3.28
CA PHE B 18 -30.80 -31.78 1.96
C PHE B 18 -29.76 -32.49 1.10
N ASP B 19 -30.11 -33.67 0.59
CA ASP B 19 -29.24 -34.49 -0.25
C ASP B 19 -29.85 -34.84 -1.62
N GLY B 20 -30.94 -34.16 -2.00
CA GLY B 20 -31.63 -34.42 -3.25
C GLY B 20 -32.41 -35.72 -3.30
N GLN B 21 -32.45 -36.46 -2.18
CA GLN B 21 -33.16 -37.71 -2.11
C GLN B 21 -34.66 -37.49 -2.17
N GLN B 22 -35.39 -38.46 -2.75
CA GLN B 22 -36.84 -38.40 -2.87
C GLN B 22 -37.51 -39.01 -1.66
N GLY B 23 -38.69 -38.51 -1.33
CA GLY B 23 -39.44 -38.97 -0.19
C GLY B 23 -40.01 -37.83 0.58
N GLU B 24 -41.04 -38.07 1.40
CA GLU B 24 -41.69 -37.01 2.16
C GLU B 24 -42.06 -37.43 3.54
N VAL B 25 -41.76 -36.60 4.53
CA VAL B 25 -42.20 -36.83 5.90
C VAL B 25 -43.30 -35.78 6.23
N PRO B 26 -44.29 -36.14 7.07
CA PRO B 26 -45.34 -35.17 7.41
C PRO B 26 -44.84 -34.06 8.33
N VAL B 27 -45.08 -32.81 7.96
CA VAL B 27 -44.61 -31.66 8.72
C VAL B 27 -45.75 -30.77 9.22
N SER B 28 -45.57 -30.14 10.39
CA SER B 28 -46.50 -29.16 10.95
C SER B 28 -45.70 -27.88 11.29
N ILE B 29 -46.27 -26.70 11.01
CA ILE B 29 -45.60 -25.44 11.27
C ILE B 29 -46.37 -24.65 12.30
N ILE B 30 -45.77 -24.41 13.47
CA ILE B 30 -46.40 -23.66 14.56
C ILE B 30 -45.51 -22.48 14.98
N ASN B 31 -45.88 -21.22 14.70
N ASN B 31 -45.86 -21.37 14.29
CA ASN B 31 -45.08 -20.02 15.08
CA ASN B 31 -45.30 -20.05 14.22
C ASN B 31 -43.50 -20.15 15.05
C ASN B 31 -44.09 -20.08 13.30
N ASN B 32 -42.93 -19.87 13.88
CA ASN B 32 -41.56 -19.86 13.38
C ASN B 32 -40.82 -21.15 13.71
N THR B 33 -41.50 -22.30 13.86
CA THR B 33 -40.85 -23.57 14.19
C THR B 33 -41.44 -24.68 13.33
N VAL B 34 -40.57 -25.55 12.78
CA VAL B 34 -40.92 -26.69 11.91
C VAL B 34 -40.85 -27.98 12.74
N TYR B 35 -41.91 -28.80 12.75
CA TYR B 35 -41.92 -30.07 13.48
C TYR B 35 -42.29 -31.23 12.54
N THR B 36 -41.92 -32.45 12.92
CA THR B 36 -42.32 -33.65 12.19
C THR B 36 -42.83 -34.66 13.18
N LYS B 37 -43.90 -35.36 12.81
CA LYS B 37 -44.50 -36.38 13.67
C LYS B 37 -43.58 -37.60 13.69
N VAL B 38 -42.77 -37.77 14.75
CA VAL B 38 -41.90 -38.96 14.85
C VAL B 38 -42.61 -39.93 15.74
N ASP B 39 -43.53 -40.68 15.10
CA ASP B 39 -44.41 -41.66 15.69
C ASP B 39 -45.18 -41.07 16.88
N GLY B 40 -46.42 -40.75 16.61
CA GLY B 40 -47.32 -40.18 17.60
C GLY B 40 -47.13 -38.70 17.86
N VAL B 41 -45.94 -38.30 18.36
CA VAL B 41 -45.66 -36.93 18.76
C VAL B 41 -44.68 -36.16 17.88
N ASP B 42 -44.80 -34.83 17.91
CA ASP B 42 -44.02 -33.83 17.17
C ASP B 42 -42.62 -33.58 17.72
N VAL B 43 -41.61 -33.77 16.87
CA VAL B 43 -40.19 -33.55 17.14
C VAL B 43 -39.79 -32.35 16.31
N GLU B 44 -39.15 -31.37 16.93
CA GLU B 44 -38.76 -30.13 16.25
C GLU B 44 -37.54 -30.33 15.35
N LEU B 45 -37.68 -30.00 14.06
CA LEU B 45 -36.59 -30.13 13.08
C LEU B 45 -35.82 -28.80 12.89
N PHE B 46 -36.50 -27.66 13.07
CA PHE B 46 -35.89 -26.36 12.84
C PHE B 46 -36.65 -25.22 13.49
N GLU B 47 -35.94 -24.35 14.21
CA GLU B 47 -36.51 -23.16 14.83
C GLU B 47 -36.04 -21.96 14.02
N ASN B 48 -36.96 -21.21 13.44
CA ASN B 48 -36.62 -20.07 12.62
C ASN B 48 -36.16 -18.85 13.40
N LYS B 49 -34.92 -18.46 13.21
CA LYS B 49 -34.36 -17.28 13.84
C LYS B 49 -34.10 -16.13 12.82
N THR B 50 -34.50 -16.32 11.56
CA THR B 50 -34.30 -15.37 10.50
C THR B 50 -35.55 -14.46 10.30
N THR B 51 -35.37 -13.45 9.45
CA THR B 51 -36.37 -12.52 8.96
C THR B 51 -37.18 -13.14 7.74
N LEU B 52 -36.81 -14.35 7.28
CA LEU B 52 -37.47 -15.04 6.18
C LEU B 52 -38.60 -15.88 6.72
N PRO B 53 -39.61 -16.23 5.89
CA PRO B 53 -40.69 -17.09 6.38
C PRO B 53 -40.15 -18.46 6.81
N VAL B 54 -40.71 -19.01 7.88
CA VAL B 54 -40.25 -20.26 8.50
C VAL B 54 -39.92 -21.38 7.51
N ASN B 55 -40.76 -21.57 6.49
CA ASN B 55 -40.57 -22.65 5.52
C ASN B 55 -39.52 -22.32 4.47
N VAL B 56 -39.42 -21.04 4.08
CA VAL B 56 -38.44 -20.58 3.11
C VAL B 56 -37.02 -20.67 3.75
N ALA B 57 -36.90 -20.29 5.03
CA ALA B 57 -35.63 -20.34 5.76
C ALA B 57 -35.26 -21.78 6.18
N PHE B 58 -36.26 -22.68 6.41
CA PHE B 58 -36.04 -24.10 6.75
C PHE B 58 -35.31 -24.78 5.57
N GLU B 59 -35.77 -24.51 4.35
CA GLU B 59 -35.23 -25.01 3.12
C GLU B 59 -33.82 -24.50 2.91
N LEU B 60 -33.58 -23.21 3.10
CA LEU B 60 -32.24 -22.64 2.95
C LEU B 60 -31.25 -23.26 3.93
N TRP B 61 -31.67 -23.42 5.16
CA TRP B 61 -30.86 -24.06 6.19
C TRP B 61 -30.52 -25.51 5.81
N ALA B 62 -31.52 -26.28 5.36
CA ALA B 62 -31.30 -27.66 4.95
C ALA B 62 -30.43 -27.75 3.71
N LYS B 63 -30.50 -26.77 2.82
CA LYS B 63 -29.69 -26.72 1.60
C LYS B 63 -28.41 -25.91 1.80
N ARG B 64 -27.85 -25.93 3.01
CA ARG B 64 -26.63 -25.21 3.31
C ARG B 64 -25.40 -25.98 2.79
N ASN B 65 -24.25 -25.30 2.69
CA ASN B 65 -23.02 -25.94 2.23
C ASN B 65 -22.43 -26.73 3.44
N ILE B 66 -22.28 -28.07 3.29
CA ILE B 66 -21.73 -28.91 4.35
C ILE B 66 -20.23 -29.18 4.19
N LYS B 67 -19.53 -28.42 3.31
CA LYS B 67 -18.09 -28.48 3.01
C LYS B 67 -17.41 -27.24 3.62
N PRO B 68 -16.09 -27.24 3.88
CA PRO B 68 -15.47 -26.03 4.45
C PRO B 68 -15.56 -24.84 3.47
N VAL B 69 -16.23 -23.75 3.89
CA VAL B 69 -16.35 -22.57 3.02
C VAL B 69 -15.71 -21.34 3.65
N PRO B 70 -15.34 -20.29 2.88
CA PRO B 70 -14.74 -19.09 3.52
C PRO B 70 -15.63 -18.50 4.60
N GLU B 71 -15.05 -18.00 5.70
CA GLU B 71 -15.82 -17.39 6.79
C GLU B 71 -16.64 -16.20 6.28
N VAL B 72 -17.83 -15.97 6.85
CA VAL B 72 -18.74 -14.89 6.40
C VAL B 72 -18.04 -13.55 6.36
N LYS B 73 -17.17 -13.25 7.34
CA LYS B 73 -16.42 -11.98 7.34
C LYS B 73 -15.57 -11.83 6.11
N ILE B 74 -14.88 -12.90 5.67
CA ILE B 74 -14.04 -12.92 4.47
C ILE B 74 -14.89 -12.65 3.23
N LEU B 75 -16.04 -13.31 3.13
CA LEU B 75 -16.92 -13.11 1.99
C LEU B 75 -17.48 -11.68 1.96
N ASN B 76 -17.79 -11.09 3.10
CA ASN B 76 -18.34 -9.74 3.19
C ASN B 76 -17.27 -8.67 2.88
N ASN B 77 -16.03 -8.93 3.29
CA ASN B 77 -14.90 -8.03 3.03
C ASN B 77 -14.55 -8.00 1.54
N LEU B 78 -14.75 -9.13 0.83
CA LEU B 78 -14.52 -9.29 -0.61
C LEU B 78 -15.74 -8.91 -1.48
N GLY B 79 -16.68 -8.16 -0.90
CA GLY B 79 -17.89 -7.67 -1.55
C GLY B 79 -18.79 -8.72 -2.17
N VAL B 80 -18.81 -9.94 -1.59
CA VAL B 80 -19.64 -11.01 -2.12
C VAL B 80 -21.10 -10.68 -1.81
N ASP B 81 -21.96 -10.83 -2.81
CA ASP B 81 -23.36 -10.50 -2.67
C ASP B 81 -24.21 -11.74 -2.59
N ILE B 82 -23.91 -12.73 -3.44
CA ILE B 82 -24.71 -13.95 -3.60
C ILE B 82 -23.82 -15.18 -3.81
N ALA B 83 -24.34 -16.39 -3.56
CA ALA B 83 -23.57 -17.61 -3.78
C ALA B 83 -24.11 -18.34 -5.00
N ALA B 84 -23.24 -18.97 -5.79
CA ALA B 84 -23.66 -19.70 -6.96
C ALA B 84 -24.02 -21.12 -6.61
N ASN B 85 -25.31 -21.45 -6.74
CA ASN B 85 -25.90 -22.78 -6.56
C ASN B 85 -25.57 -23.48 -5.23
N THR B 86 -25.60 -22.72 -4.12
CA THR B 86 -25.34 -23.15 -2.73
C THR B 86 -25.84 -22.08 -1.73
N VAL B 87 -25.96 -22.45 -0.45
CA VAL B 87 -26.35 -21.54 0.60
C VAL B 87 -25.25 -21.54 1.63
N ILE B 88 -24.67 -20.36 1.85
CA ILE B 88 -23.66 -20.18 2.86
C ILE B 88 -24.44 -19.81 4.09
N TRP B 89 -24.45 -20.70 5.07
CA TRP B 89 -25.16 -20.44 6.30
C TRP B 89 -24.26 -19.63 7.21
N ASP B 90 -24.83 -18.59 7.78
CA ASP B 90 -24.16 -17.68 8.67
C ASP B 90 -24.50 -18.23 10.02
N TYR B 91 -23.61 -19.07 10.59
CA TYR B 91 -23.92 -19.77 11.85
C TYR B 91 -23.95 -18.84 13.09
N LYS B 92 -23.28 -17.69 13.01
CA LYS B 92 -23.29 -16.67 14.06
C LYS B 92 -24.57 -15.81 14.02
N ARG B 93 -25.36 -15.92 12.96
CA ARG B 93 -26.59 -15.18 12.81
C ARG B 93 -27.79 -16.08 12.64
N ASP B 94 -27.62 -17.43 12.65
CA ASP B 94 -28.71 -18.40 12.43
C ASP B 94 -29.58 -18.02 11.24
N ALA B 95 -28.92 -17.62 10.15
CA ALA B 95 -29.58 -17.14 8.96
C ALA B 95 -28.73 -17.34 7.69
N PRO B 96 -29.34 -17.23 6.50
CA PRO B 96 -28.54 -17.36 5.27
C PRO B 96 -27.68 -16.11 5.11
N ALA B 97 -26.37 -16.29 4.82
CA ALA B 97 -25.43 -15.16 4.71
C ALA B 97 -25.82 -14.11 3.68
N HIS B 98 -26.52 -14.53 2.62
CA HIS B 98 -26.91 -13.62 1.54
C HIS B 98 -28.41 -13.42 1.37
N ILE B 99 -28.81 -12.24 0.84
CA ILE B 99 -30.20 -11.88 0.52
C ILE B 99 -30.89 -12.96 -0.39
N SER B 100 -30.39 -13.14 -1.64
CA SER B 100 -31.00 -14.04 -2.61
C SER B 100 -30.16 -15.29 -2.93
N THR B 101 -30.77 -16.25 -3.65
CA THR B 101 -30.08 -17.47 -4.04
C THR B 101 -30.07 -17.67 -5.58
N ILE B 102 -29.24 -18.60 -6.06
CA ILE B 102 -29.17 -18.98 -7.48
C ILE B 102 -29.30 -20.51 -7.49
N GLY B 103 -30.29 -21.02 -8.21
CA GLY B 103 -30.55 -22.45 -8.35
C GLY B 103 -30.66 -23.27 -7.09
N VAL B 104 -31.24 -22.71 -6.01
CA VAL B 104 -31.40 -23.42 -4.72
C VAL B 104 -32.87 -23.47 -4.27
N CYS B 105 -33.46 -22.32 -3.90
CA CYS B 105 -34.80 -22.22 -3.38
C CYS B 105 -35.60 -21.35 -4.34
N SER B 106 -36.74 -21.81 -4.81
CA SER B 106 -37.55 -21.04 -5.76
C SER B 106 -37.99 -19.68 -5.22
N MET B 107 -38.21 -19.61 -3.91
CA MET B 107 -38.70 -18.42 -3.24
C MET B 107 -37.65 -17.34 -3.03
N THR B 108 -36.39 -17.72 -2.93
CA THR B 108 -35.31 -16.74 -2.77
C THR B 108 -34.55 -16.52 -4.07
N ASP B 109 -34.57 -17.53 -4.97
CA ASP B 109 -33.89 -17.52 -6.27
C ASP B 109 -34.18 -16.33 -7.16
N ILE B 110 -33.11 -15.68 -7.62
CA ILE B 110 -33.23 -14.62 -8.61
C ILE B 110 -32.86 -15.16 -10.02
N ALA B 111 -32.23 -16.34 -10.07
CA ALA B 111 -31.74 -17.02 -11.24
C ALA B 111 -31.56 -18.51 -10.92
N LYS B 112 -31.50 -19.34 -11.95
CA LYS B 112 -31.22 -20.76 -11.77
C LYS B 112 -29.69 -20.99 -11.94
N LYS B 113 -29.06 -20.24 -12.87
CA LYS B 113 -27.63 -20.30 -13.17
C LYS B 113 -27.05 -18.91 -13.07
N PRO B 114 -25.79 -18.78 -12.64
CA PRO B 114 -25.18 -17.44 -12.52
C PRO B 114 -24.87 -16.75 -13.86
N THR B 115 -25.07 -17.42 -14.98
CA THR B 115 -24.85 -16.84 -16.31
C THR B 115 -25.88 -15.76 -16.67
N GLU B 116 -27.06 -15.76 -15.99
CA GLU B 116 -28.18 -14.84 -16.25
C GLU B 116 -27.86 -13.39 -15.97
N THR B 117 -28.43 -12.46 -16.78
CA THR B 117 -28.23 -10.99 -16.70
C THR B 117 -28.48 -10.37 -15.32
N ILE B 118 -29.32 -11.02 -14.49
CA ILE B 118 -29.58 -10.54 -13.13
C ILE B 118 -28.32 -10.64 -12.26
N CYS B 119 -27.49 -11.68 -12.49
CA CYS B 119 -26.27 -11.94 -11.74
C CYS B 119 -25.07 -11.12 -12.22
N ALA B 120 -25.16 -10.53 -13.41
CA ALA B 120 -24.07 -9.76 -14.00
C ALA B 120 -23.51 -8.68 -13.08
N PRO B 121 -24.36 -7.88 -12.41
CA PRO B 121 -23.82 -6.81 -11.56
C PRO B 121 -23.45 -7.19 -10.10
N LEU B 122 -23.88 -8.36 -9.62
CA LEU B 122 -23.59 -8.78 -8.25
C LEU B 122 -22.45 -9.75 -8.21
N THR B 123 -21.50 -9.54 -7.29
CA THR B 123 -20.36 -10.43 -7.13
C THR B 123 -20.73 -11.85 -6.65
N VAL B 124 -20.99 -12.77 -7.59
CA VAL B 124 -21.37 -14.14 -7.30
C VAL B 124 -20.17 -14.90 -6.77
N PHE B 125 -20.35 -15.66 -5.69
CA PHE B 125 -19.27 -16.47 -5.14
C PHE B 125 -19.21 -17.78 -5.88
N PHE B 126 -18.03 -18.17 -6.34
CA PHE B 126 -17.82 -19.42 -7.04
C PHE B 126 -16.90 -20.33 -6.27
N ASP B 127 -17.33 -21.57 -6.08
CA ASP B 127 -16.55 -22.58 -5.39
C ASP B 127 -15.90 -23.41 -6.51
N GLY B 128 -14.61 -23.21 -6.74
CA GLY B 128 -13.81 -23.92 -7.74
C GLY B 128 -13.72 -25.41 -7.52
N ARG B 129 -14.09 -25.89 -6.33
CA ARG B 129 -14.16 -27.31 -5.97
C ARG B 129 -15.39 -28.02 -6.57
N VAL B 130 -16.37 -27.25 -7.04
CA VAL B 130 -17.58 -27.78 -7.70
C VAL B 130 -17.31 -27.78 -9.22
N ASP B 131 -17.83 -28.78 -9.93
CA ASP B 131 -17.61 -28.91 -11.36
C ASP B 131 -18.14 -27.72 -12.17
N GLY B 132 -17.25 -27.12 -12.96
CA GLY B 132 -17.55 -26.03 -13.87
C GLY B 132 -17.62 -24.63 -13.30
N GLN B 133 -17.34 -24.48 -12.00
CA GLN B 133 -17.42 -23.15 -11.37
C GLN B 133 -16.25 -22.25 -11.66
N VAL B 134 -15.11 -22.81 -12.11
CA VAL B 134 -13.93 -22.01 -12.47
C VAL B 134 -14.21 -21.27 -13.77
N ASP B 135 -14.81 -21.97 -14.75
CA ASP B 135 -15.18 -21.38 -16.03
C ASP B 135 -16.33 -20.41 -15.87
N LEU B 136 -17.25 -20.68 -14.96
CA LEU B 136 -18.34 -19.75 -14.64
C LEU B 136 -17.76 -18.43 -14.10
N PHE B 137 -16.64 -18.49 -13.37
CA PHE B 137 -15.98 -17.33 -12.83
C PHE B 137 -15.32 -16.53 -13.95
N ARG B 138 -14.70 -17.23 -14.90
CA ARG B 138 -14.06 -16.62 -16.07
C ARG B 138 -15.06 -15.86 -16.92
N ASN B 139 -16.29 -16.39 -17.07
CA ASN B 139 -17.29 -15.70 -17.90
C ASN B 139 -18.17 -14.72 -17.12
N ALA B 140 -18.27 -14.90 -15.78
CA ALA B 140 -19.03 -14.05 -14.86
C ALA B 140 -18.48 -12.67 -14.90
N ARG B 141 -19.35 -11.66 -14.96
CA ARG B 141 -18.89 -10.26 -14.99
C ARG B 141 -18.19 -9.90 -13.70
N ASN B 142 -18.79 -10.28 -12.57
CA ASN B 142 -18.28 -10.02 -11.23
C ASN B 142 -18.35 -11.30 -10.43
N GLY B 143 -17.30 -11.61 -9.68
CA GLY B 143 -17.30 -12.78 -8.85
C GLY B 143 -16.14 -12.91 -7.89
N VAL B 144 -16.23 -13.90 -7.00
CA VAL B 144 -15.16 -14.25 -6.07
C VAL B 144 -15.03 -15.74 -6.15
N LEU B 145 -13.87 -16.22 -6.57
CA LEU B 145 -13.63 -17.64 -6.73
C LEU B 145 -12.68 -18.17 -5.66
N ILE B 146 -12.98 -19.35 -5.13
CA ILE B 146 -12.08 -20.02 -4.20
C ILE B 146 -11.67 -21.33 -4.84
N THR B 147 -10.37 -21.61 -4.93
CA THR B 147 -9.90 -22.89 -5.45
C THR B 147 -8.93 -23.55 -4.47
N GLU B 148 -8.82 -24.89 -4.53
CA GLU B 148 -7.91 -25.59 -3.64
C GLU B 148 -6.49 -25.51 -4.16
N GLY B 149 -6.32 -25.64 -5.47
CA GLY B 149 -5.02 -25.59 -6.10
C GLY B 149 -4.89 -24.46 -7.10
N SER B 150 -4.06 -24.69 -8.12
CA SER B 150 -3.76 -23.71 -9.17
C SER B 150 -4.80 -23.61 -10.32
N VAL B 151 -5.02 -22.37 -10.78
CA VAL B 151 -5.90 -22.05 -11.90
C VAL B 151 -4.99 -21.45 -12.94
N LYS B 152 -4.94 -22.04 -14.14
CA LYS B 152 -4.12 -21.54 -15.23
C LYS B 152 -4.37 -20.09 -15.59
N GLY B 153 -3.32 -19.29 -15.61
CA GLY B 153 -3.41 -17.88 -15.96
C GLY B 153 -3.68 -16.98 -14.78
N LEU B 154 -4.72 -17.31 -14.01
CA LEU B 154 -5.12 -16.53 -12.85
C LEU B 154 -4.06 -16.48 -11.76
N GLN B 155 -3.77 -15.26 -11.28
CA GLN B 155 -2.82 -15.01 -10.20
C GLN B 155 -3.50 -15.27 -8.84
N PRO B 156 -2.99 -16.26 -8.07
CA PRO B 156 -3.63 -16.60 -6.79
C PRO B 156 -3.39 -15.66 -5.61
N SER B 157 -4.29 -15.72 -4.64
CA SER B 157 -4.17 -14.97 -3.40
C SER B 157 -4.48 -15.91 -2.26
N VAL B 158 -3.44 -16.47 -1.67
CA VAL B 158 -3.51 -17.39 -0.54
C VAL B 158 -4.31 -16.78 0.62
N GLY B 159 -5.50 -17.34 0.87
CA GLY B 159 -6.39 -16.88 1.92
C GLY B 159 -6.03 -17.41 3.29
N PRO B 160 -6.95 -17.30 4.25
CA PRO B 160 -6.61 -17.77 5.61
C PRO B 160 -6.44 -19.27 5.72
N LYS B 161 -5.70 -19.74 6.72
CA LYS B 161 -5.53 -21.17 6.96
C LYS B 161 -6.87 -21.84 7.32
N GLN B 162 -7.76 -21.08 7.97
CA GLN B 162 -9.03 -21.57 8.47
C GLN B 162 -10.21 -21.28 7.54
N ALA B 163 -11.23 -22.13 7.67
CA ALA B 163 -12.50 -22.05 6.96
C ALA B 163 -13.59 -22.53 7.92
N SER B 164 -14.86 -22.29 7.60
CA SER B 164 -15.98 -22.71 8.43
C SER B 164 -16.56 -24.05 7.93
N LEU B 165 -16.49 -25.09 8.76
CA LEU B 165 -17.11 -26.36 8.45
C LEU B 165 -18.31 -26.57 9.37
N ASN B 166 -19.53 -26.32 8.87
CA ASN B 166 -20.79 -26.41 9.60
C ASN B 166 -20.76 -25.56 10.89
N GLY B 167 -20.31 -24.32 10.76
CA GLY B 167 -20.20 -23.43 11.90
C GLY B 167 -18.88 -23.51 12.63
N VAL B 168 -18.24 -24.68 12.57
CA VAL B 168 -16.97 -24.90 13.23
C VAL B 168 -15.81 -24.25 12.42
N THR B 169 -15.23 -23.15 12.93
CA THR B 169 -14.09 -22.52 12.29
C THR B 169 -12.90 -23.37 12.68
N LEU B 170 -12.24 -23.97 11.69
CA LEU B 170 -11.11 -24.87 11.96
C LEU B 170 -10.00 -24.74 10.94
N ILE B 171 -8.82 -25.24 11.29
CA ILE B 171 -7.72 -25.36 10.38
C ILE B 171 -7.70 -26.86 10.06
N GLY B 172 -8.26 -27.19 8.90
CA GLY B 172 -8.43 -28.55 8.43
C GLY B 172 -7.14 -29.33 8.33
N GLU B 173 -7.24 -30.62 8.61
CA GLU B 173 -6.17 -31.60 8.53
C GLU B 173 -6.70 -32.70 7.62
N ALA B 174 -7.91 -33.23 7.93
CA ALA B 174 -8.67 -34.22 7.16
C ALA B 174 -9.27 -33.62 5.86
N VAL B 175 -9.40 -32.28 5.77
CA VAL B 175 -9.88 -31.51 4.63
C VAL B 175 -8.99 -30.30 4.41
N LYS B 176 -9.01 -29.72 3.19
CA LYS B 176 -8.28 -28.50 2.94
C LYS B 176 -9.19 -27.32 3.31
N THR B 177 -8.66 -26.38 4.12
CA THR B 177 -9.34 -25.15 4.53
C THR B 177 -8.64 -23.89 3.97
N GLN B 178 -7.39 -24.01 3.47
CA GLN B 178 -6.68 -22.91 2.86
C GLN B 178 -7.07 -22.85 1.40
N PHE B 179 -7.56 -21.68 0.94
CA PHE B 179 -8.02 -21.51 -0.43
C PHE B 179 -7.23 -20.43 -1.16
N ASN B 180 -7.37 -20.43 -2.46
CA ASN B 180 -6.82 -19.45 -3.33
C ASN B 180 -7.99 -18.52 -3.63
N TYR B 181 -7.81 -17.22 -3.42
CA TYR B 181 -8.88 -16.26 -3.70
C TYR B 181 -8.65 -15.57 -5.01
N TYR B 182 -9.74 -15.29 -5.74
CA TYR B 182 -9.71 -14.60 -7.02
C TYR B 182 -10.93 -13.68 -7.04
N LYS B 183 -10.75 -12.42 -7.40
CA LYS B 183 -11.87 -11.47 -7.43
C LYS B 183 -11.88 -10.82 -8.79
N LYS B 184 -13.05 -10.48 -9.29
CA LYS B 184 -13.17 -9.85 -10.60
C LYS B 184 -14.14 -8.71 -10.51
N VAL B 185 -13.81 -7.58 -11.11
CA VAL B 185 -14.68 -6.42 -11.07
C VAL B 185 -14.84 -5.92 -12.49
N ASP B 186 -16.10 -5.90 -12.97
CA ASP B 186 -16.51 -5.49 -14.30
C ASP B 186 -15.74 -6.21 -15.45
N GLY B 187 -15.46 -7.51 -15.25
CA GLY B 187 -14.76 -8.37 -16.20
C GLY B 187 -13.26 -8.44 -16.01
N VAL B 188 -12.70 -7.48 -15.28
CA VAL B 188 -11.26 -7.34 -15.00
C VAL B 188 -10.83 -8.17 -13.79
N VAL B 189 -9.92 -9.13 -13.98
CA VAL B 189 -9.41 -9.97 -12.89
C VAL B 189 -8.63 -9.08 -11.93
N GLN B 190 -8.79 -9.25 -10.62
CA GLN B 190 -8.20 -8.35 -9.64
C GLN B 190 -6.94 -8.80 -8.93
N GLN B 191 -6.13 -7.79 -8.55
CA GLN B 191 -4.92 -7.92 -7.75
C GLN B 191 -5.34 -7.63 -6.31
N LEU B 192 -5.68 -8.68 -5.57
CA LEU B 192 -6.13 -8.56 -4.19
C LEU B 192 -5.02 -7.97 -3.33
N PRO B 193 -5.40 -7.20 -2.30
CA PRO B 193 -4.37 -6.53 -1.50
C PRO B 193 -3.50 -7.49 -0.69
N GLU B 194 -2.32 -6.99 -0.27
CA GLU B 194 -1.43 -7.70 0.65
C GLU B 194 -2.13 -7.51 1.98
N THR B 195 -2.50 -8.62 2.62
CA THR B 195 -3.34 -8.58 3.80
C THR B 195 -2.89 -9.48 4.93
N TYR B 196 -3.39 -9.19 6.13
CA TYR B 196 -3.23 -9.98 7.34
C TYR B 196 -4.54 -10.79 7.49
N PHE B 197 -4.52 -11.83 8.32
CA PHE B 197 -5.72 -12.59 8.57
C PHE B 197 -5.96 -12.68 10.03
N THR B 198 -7.22 -12.51 10.46
CA THR B 198 -7.58 -12.68 11.86
C THR B 198 -7.61 -14.18 12.12
N GLN B 199 -7.15 -14.60 13.31
CA GLN B 199 -7.03 -16.02 13.64
C GLN B 199 -8.37 -16.72 13.93
N SER B 200 -9.48 -15.97 14.03
CA SER B 200 -10.83 -16.49 14.28
C SER B 200 -10.89 -17.49 15.44
N ARG B 201 -10.40 -17.10 16.63
CA ARG B 201 -10.40 -18.01 17.79
C ARG B 201 -11.46 -17.68 18.82
N ASN B 202 -11.79 -18.66 19.67
CA ASN B 202 -12.73 -18.55 20.78
C ASN B 202 -12.00 -18.14 22.06
N LEU B 203 -12.74 -17.60 23.03
CA LEU B 203 -12.15 -17.24 24.32
C LEU B 203 -12.01 -18.49 25.23
N GLN B 204 -13.02 -19.39 25.16
CA GLN B 204 -13.06 -20.62 25.94
C GLN B 204 -11.94 -21.60 25.51
N GLU B 205 -11.76 -21.80 24.20
CA GLU B 205 -10.75 -22.72 23.67
C GLU B 205 -9.59 -22.02 22.93
N PHE B 206 -9.06 -20.90 23.47
CA PHE B 206 -7.95 -20.21 22.82
C PHE B 206 -6.71 -21.07 22.90
N LYS B 207 -5.97 -21.14 21.79
CA LYS B 207 -4.72 -21.87 21.70
C LYS B 207 -3.69 -21.00 21.01
N PRO B 208 -2.52 -20.80 21.64
CA PRO B 208 -1.47 -19.99 21.00
C PRO B 208 -0.98 -20.60 19.69
N ARG B 209 -0.68 -19.75 18.67
CA ARG B 209 -0.23 -20.20 17.35
C ARG B 209 1.16 -19.71 16.95
N SER B 210 2.04 -19.50 17.95
CA SER B 210 3.44 -19.10 17.75
C SER B 210 4.24 -19.14 19.08
N GLN B 211 5.56 -18.94 19.05
CA GLN B 211 6.36 -18.90 20.28
C GLN B 211 6.09 -17.64 21.08
N MET B 212 5.81 -16.52 20.38
CA MET B 212 5.48 -15.27 21.03
C MET B 212 4.16 -15.42 21.79
N GLU B 213 3.17 -16.13 21.19
CA GLU B 213 1.88 -16.35 21.83
C GLU B 213 1.98 -17.30 23.02
N ILE B 214 2.91 -18.26 22.99
CA ILE B 214 3.09 -19.16 24.12
C ILE B 214 3.79 -18.38 25.27
N ASP B 215 4.75 -17.50 24.92
CA ASP B 215 5.46 -16.66 25.90
C ASP B 215 4.52 -15.62 26.52
N PHE B 216 3.53 -15.13 25.75
CA PHE B 216 2.58 -14.14 26.26
C PHE B 216 1.62 -14.80 27.26
N LEU B 217 1.16 -16.00 26.95
CA LEU B 217 0.25 -16.71 27.83
C LEU B 217 0.94 -17.35 29.02
N GLU B 218 2.26 -17.61 28.95
CA GLU B 218 2.98 -18.27 30.05
C GLU B 218 3.72 -17.29 30.96
N LEU B 219 4.43 -16.36 30.36
CA LEU B 219 5.23 -15.37 31.07
C LEU B 219 4.40 -14.27 31.73
N ALA B 220 4.96 -13.63 32.77
CA ALA B 220 4.32 -12.50 33.44
C ALA B 220 4.39 -11.24 32.54
N MET B 221 3.64 -10.16 32.88
CA MET B 221 3.56 -8.97 32.04
C MET B 221 4.92 -8.31 31.69
N ASP B 222 5.66 -7.81 32.71
CA ASP B 222 6.92 -7.10 32.47
C ASP B 222 8.10 -7.97 32.00
N GLU B 223 7.89 -9.28 31.83
CA GLU B 223 8.95 -10.13 31.30
C GLU B 223 8.64 -10.63 29.88
N PHE B 224 7.37 -10.53 29.42
CA PHE B 224 7.07 -10.83 28.05
C PHE B 224 7.57 -9.64 27.22
N ILE B 225 7.24 -8.42 27.64
CA ILE B 225 7.64 -7.17 27.02
C ILE B 225 9.16 -7.07 27.01
N GLU B 226 9.81 -7.44 28.12
CA GLU B 226 11.26 -7.43 28.29
C GLU B 226 11.92 -8.31 27.27
N ARG B 227 11.39 -9.52 27.04
CA ARG B 227 11.94 -10.47 26.08
C ARG B 227 11.75 -10.00 24.64
N TYR B 228 10.57 -9.45 24.34
CA TYR B 228 10.24 -9.04 22.99
C TYR B 228 10.49 -7.56 22.70
N LYS B 229 11.29 -6.87 23.57
CA LYS B 229 11.65 -5.44 23.43
C LYS B 229 10.44 -4.55 23.12
N LEU B 230 9.36 -4.76 23.86
CA LEU B 230 8.13 -4.01 23.65
C LEU B 230 8.00 -2.81 24.59
N GLU B 231 9.12 -2.20 24.94
CA GLU B 231 9.11 -1.04 25.82
C GLU B 231 8.60 0.15 25.03
N GLY B 232 7.60 0.84 25.58
CA GLY B 232 7.07 2.04 24.93
C GLY B 232 6.11 1.77 23.80
N TYR B 233 5.42 0.64 23.85
CA TYR B 233 4.40 0.28 22.85
C TYR B 233 3.03 0.06 23.46
N ALA B 234 2.86 0.42 24.76
CA ALA B 234 1.66 0.31 25.56
C ALA B 234 0.98 -1.07 25.51
N PHE B 235 1.76 -2.17 25.51
CA PHE B 235 1.16 -3.49 25.53
C PHE B 235 0.46 -3.76 26.87
N GLU B 236 0.90 -3.10 27.95
CA GLU B 236 0.28 -3.20 29.27
C GLU B 236 -1.17 -2.69 29.22
N HIS B 237 -1.44 -1.68 28.38
CA HIS B 237 -2.74 -1.07 28.22
C HIS B 237 -3.55 -1.74 27.08
N ILE B 238 -3.04 -1.74 25.85
CA ILE B 238 -3.70 -2.32 24.68
C ILE B 238 -3.93 -3.85 24.74
N VAL B 239 -2.89 -4.63 25.02
CA VAL B 239 -3.00 -6.06 24.96
C VAL B 239 -3.29 -6.67 26.31
N TYR B 240 -2.66 -6.19 27.37
CA TYR B 240 -2.92 -6.72 28.71
C TYR B 240 -4.23 -6.24 29.29
N GLY B 241 -4.52 -4.95 29.16
CA GLY B 241 -5.73 -4.35 29.68
C GLY B 241 -5.60 -3.76 31.07
N ASP B 242 -5.98 -2.50 31.24
CA ASP B 242 -5.92 -1.82 32.53
C ASP B 242 -7.28 -1.94 33.22
N PHE B 243 -7.36 -2.74 34.29
CA PHE B 243 -8.62 -2.93 35.00
C PHE B 243 -8.67 -2.13 36.30
N SER B 244 -7.95 -1.01 36.37
CA SER B 244 -7.88 -0.23 37.61
C SER B 244 -8.91 0.88 37.73
N HIS B 245 -9.35 1.50 36.62
CA HIS B 245 -10.32 2.59 36.68
C HIS B 245 -11.75 2.17 36.30
N SER B 246 -12.76 3.07 36.48
CA SER B 246 -14.16 2.80 36.17
C SER B 246 -14.34 2.28 34.74
N GLN B 247 -13.69 2.95 33.78
CA GLN B 247 -13.68 2.49 32.39
C GLN B 247 -12.48 1.59 32.19
N LEU B 248 -12.73 0.37 31.66
CA LEU B 248 -11.74 -0.65 31.36
C LEU B 248 -10.83 -0.08 30.29
N GLY B 249 -9.53 -0.09 30.53
CA GLY B 249 -8.57 0.48 29.62
C GLY B 249 -7.95 -0.51 28.67
N GLY B 250 -7.89 -0.15 27.39
CA GLY B 250 -7.31 -0.99 26.38
C GLY B 250 -8.08 -2.27 26.19
N LEU B 251 -7.36 -3.43 26.27
CA LEU B 251 -7.90 -4.77 26.09
C LEU B 251 -8.56 -4.88 24.70
N HIS B 252 -7.73 -4.84 23.63
CA HIS B 252 -8.23 -4.88 22.26
C HIS B 252 -7.77 -6.06 21.41
N LEU B 253 -6.89 -6.91 21.95
CA LEU B 253 -6.40 -8.07 21.23
C LEU B 253 -6.98 -9.28 21.93
N LEU B 254 -7.56 -10.23 21.20
CA LEU B 254 -8.17 -11.41 21.80
C LEU B 254 -7.27 -12.18 22.76
N ILE B 255 -5.97 -12.28 22.46
CA ILE B 255 -5.01 -12.97 23.31
C ILE B 255 -4.96 -12.39 24.75
N GLY B 256 -5.26 -11.11 24.90
CA GLY B 256 -5.31 -10.46 26.20
C GLY B 256 -6.56 -10.81 26.99
N LEU B 257 -7.67 -11.02 26.26
CA LEU B 257 -8.94 -11.45 26.84
C LEU B 257 -8.79 -12.94 27.25
N ALA B 258 -8.07 -13.75 26.46
CA ALA B 258 -7.79 -15.16 26.72
C ALA B 258 -6.93 -15.35 27.97
N LYS B 259 -5.96 -14.44 28.19
CA LYS B 259 -5.06 -14.48 29.33
C LYS B 259 -5.80 -14.00 30.59
N ARG B 260 -6.61 -12.93 30.46
CA ARG B 260 -7.41 -12.44 31.58
C ARG B 260 -8.47 -13.48 32.00
N PHE B 261 -8.91 -14.35 31.06
CA PHE B 261 -9.93 -15.38 31.26
C PHE B 261 -9.52 -16.54 32.17
N LYS B 262 -8.25 -17.04 32.04
CA LYS B 262 -7.76 -18.15 32.87
C LYS B 262 -7.79 -17.74 34.35
N GLU B 263 -7.41 -16.49 34.64
CA GLU B 263 -7.42 -15.98 35.99
C GLU B 263 -8.86 -15.62 36.42
N SER B 264 -9.48 -14.65 35.73
CA SER B 264 -10.81 -14.19 36.10
C SER B 264 -11.77 -14.08 34.91
N PRO B 265 -13.07 -14.29 35.17
CA PRO B 265 -14.05 -14.16 34.08
C PRO B 265 -14.48 -12.71 33.83
N PHE B 266 -15.21 -12.48 32.74
CA PHE B 266 -15.76 -11.17 32.36
C PHE B 266 -16.93 -11.33 31.37
N GLU B 267 -17.85 -10.36 31.33
CA GLU B 267 -18.98 -10.46 30.42
C GLU B 267 -18.73 -9.73 29.11
N LEU B 268 -18.85 -10.42 27.98
CA LEU B 268 -18.70 -9.80 26.67
C LEU B 268 -20.05 -9.76 26.01
N GLU B 269 -20.66 -8.57 25.96
CA GLU B 269 -21.96 -8.45 25.34
C GLU B 269 -21.78 -8.07 23.87
N ASP B 270 -22.02 -9.05 23.02
CA ASP B 270 -21.95 -8.94 21.58
C ASP B 270 -23.28 -8.31 21.12
N PHE B 271 -23.41 -6.96 21.16
CA PHE B 271 -24.67 -6.30 20.84
C PHE B 271 -25.01 -6.25 19.35
N ILE B 272 -24.03 -6.56 18.46
CA ILE B 272 -24.29 -6.70 17.03
C ILE B 272 -23.73 -8.07 16.65
N PRO B 273 -24.44 -9.17 16.98
CA PRO B 273 -23.86 -10.50 16.75
C PRO B 273 -23.74 -10.96 15.30
N MET B 274 -22.72 -10.48 14.61
CA MET B 274 -22.37 -10.85 13.23
C MET B 274 -20.86 -11.30 13.17
N ASP B 275 -20.34 -11.64 11.98
CA ASP B 275 -18.96 -12.01 11.81
C ASP B 275 -18.30 -10.82 11.14
N SER B 276 -17.40 -10.17 11.88
CA SER B 276 -16.63 -9.05 11.34
C SER B 276 -15.17 -9.17 11.73
N THR B 277 -14.28 -8.51 10.97
CA THR B 277 -12.85 -8.53 11.28
C THR B 277 -12.59 -7.92 12.66
N VAL B 278 -13.21 -6.76 12.92
CA VAL B 278 -13.16 -6.16 14.25
C VAL B 278 -14.51 -6.36 14.92
N LYS B 279 -14.53 -6.98 16.10
CA LYS B 279 -15.78 -7.18 16.83
C LYS B 279 -15.94 -6.14 17.94
N ASN B 280 -17.16 -5.66 18.18
CA ASN B 280 -17.39 -4.68 19.27
C ASN B 280 -18.12 -5.33 20.41
N TYR B 281 -17.59 -5.19 21.62
CA TYR B 281 -18.17 -5.82 22.79
C TYR B 281 -18.36 -4.85 23.95
N PHE B 282 -19.38 -5.10 24.75
CA PHE B 282 -19.64 -4.34 25.94
C PHE B 282 -19.08 -5.23 27.04
N ILE B 283 -17.84 -4.95 27.45
CA ILE B 283 -17.14 -5.75 28.45
C ILE B 283 -17.33 -5.21 29.84
N THR B 284 -17.45 -6.15 30.82
CA THR B 284 -17.56 -5.89 32.24
C THR B 284 -16.64 -6.90 32.91
N ASP B 285 -15.48 -6.48 33.45
CA ASP B 285 -14.59 -7.41 34.13
C ASP B 285 -15.20 -7.74 35.47
N ALA B 286 -15.62 -8.99 35.64
CA ALA B 286 -16.29 -9.46 36.83
C ALA B 286 -15.47 -9.35 38.12
N GLN B 287 -14.13 -9.30 38.05
CA GLN B 287 -13.31 -9.23 39.28
C GLN B 287 -13.19 -7.80 39.81
N THR B 288 -12.71 -6.88 38.97
CA THR B 288 -12.50 -5.50 39.36
C THR B 288 -13.74 -4.62 39.26
N GLY B 289 -14.62 -4.91 38.32
CA GLY B 289 -15.78 -4.06 38.08
C GLY B 289 -15.54 -3.00 37.00
N SER B 290 -14.33 -3.00 36.40
CA SER B 290 -13.98 -2.10 35.31
C SER B 290 -14.83 -2.50 34.10
N SER B 291 -15.28 -1.53 33.27
CA SER B 291 -16.12 -1.89 32.12
C SER B 291 -16.04 -0.89 30.96
N LYS B 292 -16.38 -1.31 29.73
CA LYS B 292 -16.36 -0.45 28.55
C LYS B 292 -17.59 -0.75 27.69
N CYS B 293 -18.25 0.29 27.14
CA CYS B 293 -19.45 0.08 26.31
C CYS B 293 -19.09 -0.46 24.91
N VAL B 294 -18.14 0.18 24.25
CA VAL B 294 -17.69 -0.29 22.95
C VAL B 294 -16.23 -0.59 23.09
N CYS B 295 -15.90 -1.87 23.15
CA CYS B 295 -14.52 -2.30 23.27
C CYS B 295 -14.20 -3.09 22.02
N SER B 296 -13.53 -2.47 21.05
CA SER B 296 -13.20 -3.16 19.82
C SER B 296 -12.11 -4.20 20.03
N VAL B 297 -12.46 -5.49 19.91
CA VAL B 297 -11.53 -6.60 20.05
C VAL B 297 -11.23 -7.25 18.66
N ILE B 298 -9.95 -7.33 18.28
CA ILE B 298 -9.55 -7.97 17.02
C ILE B 298 -8.60 -9.12 17.32
N ASP B 299 -8.83 -10.28 16.72
CA ASP B 299 -7.96 -11.42 16.95
C ASP B 299 -6.88 -11.56 15.88
N LEU B 300 -5.80 -10.82 16.02
CA LEU B 300 -4.66 -10.96 15.13
C LEU B 300 -3.67 -11.87 15.83
N LEU B 301 -2.78 -12.53 15.07
CA LEU B 301 -1.68 -13.33 15.65
C LEU B 301 -0.79 -12.30 16.39
N LEU B 302 -0.36 -12.57 17.64
CA LEU B 302 0.41 -11.59 18.41
C LEU B 302 1.61 -11.00 17.68
N ASP B 303 2.31 -11.82 16.90
CA ASP B 303 3.46 -11.38 16.10
C ASP B 303 3.02 -10.36 15.05
N ASP B 304 1.83 -10.53 14.48
CA ASP B 304 1.27 -9.62 13.48
C ASP B 304 0.96 -8.25 14.06
N PHE B 305 0.37 -8.20 15.28
CA PHE B 305 0.05 -6.94 15.93
C PHE B 305 1.33 -6.21 16.33
N VAL B 306 2.33 -6.96 16.87
CA VAL B 306 3.67 -6.46 17.22
C VAL B 306 4.31 -5.84 15.95
N GLU B 307 4.28 -6.56 14.79
CA GLU B 307 4.81 -6.12 13.48
C GLU B 307 4.07 -4.91 12.91
N ILE B 308 2.80 -4.74 13.25
CA ILE B 308 1.99 -3.61 12.81
C ILE B 308 2.34 -2.37 13.65
N ILE B 309 2.38 -2.48 14.97
CA ILE B 309 2.66 -1.35 15.85
C ILE B 309 4.14 -0.94 15.70
N LYS B 310 5.05 -1.90 15.46
CA LYS B 310 6.46 -1.59 15.26
C LYS B 310 6.76 -0.94 13.91
N SER B 311 5.88 -1.14 12.94
CA SER B 311 5.99 -0.56 11.61
C SER B 311 5.26 0.79 11.56
N GLN B 312 5.21 1.53 12.69
CA GLN B 312 4.48 2.81 12.77
C GLN B 312 5.32 4.00 13.16
N ASP B 313 4.85 5.19 12.83
CA ASP B 313 5.52 6.42 13.23
C ASP B 313 4.86 6.92 14.52
N LEU B 314 5.67 7.26 15.54
CA LEU B 314 5.16 7.69 16.85
C LEU B 314 5.33 9.20 17.13
N SER B 315 5.41 10.03 16.07
CA SER B 315 5.60 11.48 16.22
C SER B 315 4.35 12.30 16.55
N VAL B 316 3.25 12.08 15.81
CA VAL B 316 2.02 12.87 16.01
C VAL B 316 1.20 12.32 17.19
N VAL B 317 0.33 13.16 17.75
CA VAL B 317 -0.50 12.79 18.88
C VAL B 317 -1.56 11.75 18.46
N SER B 318 -2.26 11.97 17.35
CA SER B 318 -3.28 11.04 16.87
C SER B 318 -3.40 11.01 15.35
N LYS B 319 -3.25 9.83 14.77
CA LYS B 319 -3.41 9.65 13.33
C LYS B 319 -4.22 8.36 13.04
N VAL B 320 -4.79 8.26 11.82
CA VAL B 320 -5.56 7.08 11.45
C VAL B 320 -4.62 6.14 10.74
N VAL B 321 -4.43 4.95 11.29
CA VAL B 321 -3.55 3.91 10.76
C VAL B 321 -4.41 2.86 10.10
N LYS B 322 -4.39 2.81 8.77
CA LYS B 322 -5.14 1.81 8.04
C LYS B 322 -4.27 0.57 7.88
N VAL B 323 -4.85 -0.60 8.10
CA VAL B 323 -4.16 -1.89 7.98
C VAL B 323 -5.06 -2.79 7.17
N THR B 324 -4.54 -3.48 6.15
CA THR B 324 -5.35 -4.44 5.40
C THR B 324 -5.37 -5.76 6.18
N ILE B 325 -6.56 -6.12 6.72
CA ILE B 325 -6.82 -7.34 7.48
C ILE B 325 -8.08 -7.94 6.87
N ASP B 326 -8.04 -9.25 6.54
CA ASP B 326 -9.11 -10.05 5.94
C ASP B 326 -9.66 -9.51 4.62
N TYR B 327 -8.80 -8.81 3.86
CA TYR B 327 -9.09 -8.16 2.59
C TYR B 327 -9.81 -6.80 2.76
N THR B 328 -9.91 -6.27 3.99
CA THR B 328 -10.57 -5.00 4.23
C THR B 328 -9.66 -4.04 4.92
N GLU B 329 -9.88 -2.75 4.68
CA GLU B 329 -9.09 -1.67 5.27
C GLU B 329 -9.61 -1.36 6.66
N ILE B 330 -8.95 -1.92 7.68
CA ILE B 330 -9.32 -1.66 9.05
C ILE B 330 -8.58 -0.43 9.52
N SER B 331 -9.32 0.63 9.87
CA SER B 331 -8.71 1.84 10.44
C SER B 331 -8.50 1.65 11.94
N PHE B 332 -7.42 2.22 12.44
CA PHE B 332 -6.98 2.19 13.84
C PHE B 332 -6.65 3.59 14.23
N MET B 333 -6.81 3.91 15.50
CA MET B 333 -6.45 5.21 15.98
C MET B 333 -5.18 5.00 16.80
N LEU B 334 -4.07 5.61 16.35
CA LEU B 334 -2.80 5.49 17.06
C LEU B 334 -2.54 6.75 17.88
N TRP B 335 -2.61 6.65 19.20
CA TRP B 335 -2.37 7.76 20.09
C TRP B 335 -0.96 7.70 20.62
N CYS B 336 -0.26 8.87 20.69
CA CYS B 336 1.13 8.92 21.12
C CYS B 336 1.49 10.12 22.03
N LYS B 337 2.68 10.05 22.68
CA LYS B 337 3.25 11.09 23.54
C LYS B 337 4.71 10.76 23.85
N ASP B 338 5.62 11.71 23.56
CA ASP B 338 7.06 11.67 23.80
C ASP B 338 7.79 10.46 23.20
N GLY B 339 7.38 10.03 22.01
CA GLY B 339 8.05 8.91 21.33
C GLY B 339 7.54 7.53 21.68
N HIS B 340 6.39 7.46 22.35
CA HIS B 340 5.80 6.19 22.72
C HIS B 340 4.28 6.16 22.49
N VAL B 341 3.72 4.96 22.47
CA VAL B 341 2.30 4.75 22.23
C VAL B 341 1.55 4.99 23.55
N GLU B 342 0.47 5.80 23.51
CA GLU B 342 -0.40 5.98 24.66
C GLU B 342 -1.45 4.86 24.58
N THR B 343 -2.04 4.66 23.37
CA THR B 343 -3.01 3.62 23.00
C THR B 343 -3.02 3.39 21.48
N PHE B 344 -3.45 2.21 21.04
CA PHE B 344 -3.51 1.87 19.63
C PHE B 344 -4.66 0.89 19.46
N TYR B 345 -5.85 1.39 19.18
CA TYR B 345 -7.05 0.57 19.08
C TYR B 345 -7.68 0.60 17.70
N PRO B 346 -8.42 -0.44 17.30
CA PRO B 346 -9.15 -0.36 16.02
C PRO B 346 -10.26 0.71 16.10
N LYS B 347 -10.21 1.71 15.18
CA LYS B 347 -11.11 2.88 15.04
C LYS B 347 -12.58 2.49 14.90
N LEU B 348 -13.39 3.15 15.73
CA LEU B 348 -14.83 3.00 15.92
C LEU B 348 -15.61 3.62 14.74
N GLN B 349 -15.64 2.94 13.56
CA GLN B 349 -16.38 3.40 12.36
C GLN B 349 -17.49 2.42 11.91
#